data_7F0T
#
_entry.id   7F0T
#
_cell.length_a   1.00
_cell.length_b   1.00
_cell.length_c   1.00
_cell.angle_alpha   90.00
_cell.angle_beta   90.00
_cell.angle_gamma   90.00
#
_symmetry.space_group_name_H-M   'P 1'
#
loop_
_entity.id
_entity.type
_entity.pdbx_description
1 polymer 'D(1A) dopamine receptor'
2 polymer 'Guanine nucleotide-binding protein G(s) subunit alpha isoforms short,Isoform Gnas-2 of Guanine nucleotide-binding protein G(s) subunit alpha isoforms short'
3 polymer 'Guanine nucleotide-binding protein G(I)/G(S)/G(T) subunit beta-1'
4 polymer 'Guanine nucleotide-binding protein G(I)/G(S)/G(O) subunit gamma-2'
5 polymer Nanobody35
6 non-polymer L-DOPAMINE
#
loop_
_entity_poly.entity_id
_entity_poly.type
_entity_poly.pdbx_seq_one_letter_code
_entity_poly.pdbx_strand_id
1 'polypeptide(L)'
;MKTIIALSYIFCLVFADYKDDDDASIDMRTLNTSAMDGTGLVVERDFSVRILTACFLSLLILSTLLGNTLVCAAVIRFRH
LRSKVTNFFVISLAVSDLLVAVLVMPWKAVAEIAGFWPFGSFCNIWVAFDIMCSTASILNLCVISVDRYWAISSPFRYER
KMTPKAAFILISVAWTLSVLISFIPVQLSWHKAKPTSPSDGNATSLAETIDNCDSSLSRTYAISSSVISFYIPVAIMIVT
YTRIYRIAQKQIRRIAALERAAVHAKNCQTTTGNGKPVECSQPESSFKMSFKRETKVLKTLSVIMGVFVCCWLPFFILNC
ILPFCGSGETQPFCIDSNTFDVFVWFGWANSSLNPIIYAFNADFRKAFSTLLGCYRLCPATNNAIETVSINNNGAAMFSS
HHEPRGSISKECNLVYLIPHAVGSSEDLKKEEAAGIARPLEKLSPALSVILDYDTDVSLEKIQPITQNGQHPT
;
F
2 'polypeptide(L)'
;NSKTEDQRNEEKAQREANKKIEKQLQKDKQVYRATHRLLLLGADNSGKSTIVKQMRILHGGSGGSGGTSGIFETKFQVDK
VNFHMFDVGGQRDERRKWIQCFNDVTAIIFVVDSSDYNRLQEALNLFKSIWNNRWLRTISVILFLNKQDLLAEKVLAGKS
KIEDYFPEFARYTTPEDATPEPGEDPRVTRAKYFIRDEFLRISTASGDGRHYCYPHFTCAVDTENARRIFNDCRDIIQRM
HLRQYELL
;
A
3 'polypeptide(L)'
;MHHHHHHLEVLFQGPGSSGSELDQLRQEAEQLKNQIRDARKACADATLSQITNNIDPVGRIQMRTRRTLRGHLAKIYAMH
WGTDSRLLVSASQDGKLIIWDSYTTNKVHAIPLRSSWVMTCAYAPSGNYVACGGLDNICSIYNLKTREGNVRVSRELAGH
TGYLSCCRFLDDNQIVTSSGDTTCALWDIETGQQTTTFTGHTGDVMSLSLAPDTRLFVSGACDASAKLWDVREGMCRQTF
TGHESDINAICFFPNGNAFATGSDDATCRLFDLRADQELMTYSHDNIICGITSVSFSKSGRLLLAGYDDFNCNVWDALKA
DRAGVLAGHDNRVSCLGVTDDGMAVATGSWDSFLKIWN
;
B
4 'polypeptide(L)' MASNNTASIAQARKLVEQLKMEANIDRIKVSKAAADLMAYCEAHAKEDPLLTPVPASENPFREKKFFSAIL D
5 'polypeptide(L)'
;MKYLLPTAAAGLLLLAAQPAMAQVQLQESGGGLVQPGGSLRLSCAASGFTFSNYKMNWVRQAPGKGLEWVSDISQSGASI
SYTGSVKGRFTISRDNAKNTLYLQMNSLKPEDTAVYYCARCPAPFTRDCFDVTSTTYAYRGQGTQVTVSSHHHHHHEPEA
;
E
#
loop_
_chem_comp.id
_chem_comp.type
_chem_comp.name
_chem_comp.formula
LDP non-polymer L-DOPAMINE 'C8 H11 N O2'
#
# COMPACT_ATOMS: atom_id res chain seq x y z
N SER A 48 44.63 12.48 -37.27
CA SER A 48 44.38 11.45 -36.27
C SER A 48 43.83 12.05 -34.99
N VAL A 49 44.51 13.06 -34.46
CA VAL A 49 44.04 13.74 -33.26
C VAL A 49 42.72 14.44 -33.55
N ARG A 50 42.60 15.03 -34.74
CA ARG A 50 41.41 15.82 -35.06
C ARG A 50 40.17 14.93 -35.16
N ILE A 51 40.29 13.77 -35.81
CA ILE A 51 39.13 12.90 -35.95
C ILE A 51 38.72 12.34 -34.58
N LEU A 52 39.70 12.09 -33.71
CA LEU A 52 39.37 11.62 -32.36
C LEU A 52 38.67 12.70 -31.56
N THR A 53 39.16 13.94 -31.64
CA THR A 53 38.46 15.02 -30.97
C THR A 53 37.05 15.17 -31.51
N ALA A 54 36.89 15.04 -32.82
CA ALA A 54 35.55 15.13 -33.42
C ALA A 54 34.64 14.04 -32.87
N CYS A 55 35.11 12.80 -32.85
CA CYS A 55 34.25 11.72 -32.42
C CYS A 55 33.90 11.86 -30.94
N PHE A 56 34.89 12.19 -30.10
CA PHE A 56 34.60 12.34 -28.68
C PHE A 56 33.64 13.48 -28.42
N LEU A 57 33.81 14.60 -29.13
CA LEU A 57 32.91 15.73 -28.94
C LEU A 57 31.50 15.41 -29.39
N SER A 58 31.38 14.69 -30.52
CA SER A 58 30.05 14.30 -30.98
C SER A 58 29.40 13.35 -29.98
N LEU A 59 30.19 12.44 -29.41
CA LEU A 59 29.64 11.56 -28.39
C LEU A 59 29.21 12.35 -27.16
N LEU A 60 29.99 13.36 -26.78
CA LEU A 60 29.64 14.16 -25.61
C LEU A 60 28.34 14.91 -25.83
N ILE A 61 28.22 15.59 -26.97
CA ILE A 61 26.99 16.30 -27.27
C ILE A 61 25.81 15.34 -27.29
N LEU A 62 25.97 14.20 -27.98
CA LEU A 62 24.87 13.27 -28.11
C LEU A 62 24.48 12.70 -26.75
N SER A 63 25.46 12.47 -25.88
CA SER A 63 25.16 11.92 -24.57
C SER A 63 24.42 12.94 -23.71
N THR A 64 24.91 14.17 -23.66
CA THR A 64 24.19 15.22 -22.94
C THR A 64 22.76 15.32 -23.43
N LEU A 65 22.60 15.49 -24.75
CA LEU A 65 21.28 15.68 -25.31
C LEU A 65 20.40 14.49 -25.00
N LEU A 66 20.92 13.27 -25.15
CA LEU A 66 20.10 12.08 -24.93
C LEU A 66 19.67 11.95 -23.49
N GLY A 67 20.60 12.08 -22.54
CA GLY A 67 20.24 11.97 -21.14
C GLY A 67 19.21 13.01 -20.73
N ASN A 68 19.42 14.26 -21.13
CA ASN A 68 18.51 15.30 -20.66
C ASN A 68 17.16 15.23 -21.37
N THR A 69 17.13 14.89 -22.66
CA THR A 69 15.83 14.73 -23.29
C THR A 69 15.12 13.50 -22.74
N LEU A 70 15.88 12.52 -22.27
CA LEU A 70 15.24 11.35 -21.65
C LEU A 70 14.60 11.72 -20.34
N VAL A 71 15.29 12.52 -19.52
CA VAL A 71 14.68 13.00 -18.28
C VAL A 71 13.44 13.82 -18.57
N CYS A 72 13.55 14.75 -19.53
CA CYS A 72 12.41 15.62 -19.82
C CYS A 72 11.23 14.81 -20.36
N ALA A 73 11.50 13.76 -21.14
CA ALA A 73 10.42 12.93 -21.65
C ALA A 73 9.78 12.12 -20.52
N ALA A 74 10.60 11.50 -19.67
CA ALA A 74 10.06 10.75 -18.56
C ALA A 74 9.22 11.62 -17.65
N VAL A 75 9.50 12.93 -17.64
CA VAL A 75 8.66 13.83 -16.86
C VAL A 75 7.38 14.16 -17.60
N ILE A 76 7.48 14.52 -18.87
CA ILE A 76 6.30 14.99 -19.60
C ILE A 76 5.28 13.86 -19.76
N ARG A 77 5.76 12.64 -19.95
CA ARG A 77 4.82 11.54 -20.17
C ARG A 77 4.11 11.11 -18.90
N PHE A 78 4.83 11.04 -17.78
CA PHE A 78 4.29 10.48 -16.55
C PHE A 78 3.95 11.60 -15.58
N ARG A 79 2.67 11.74 -15.25
CA ARG A 79 2.26 12.78 -14.32
C ARG A 79 2.53 12.43 -12.87
N HIS A 80 2.78 11.16 -12.55
CA HIS A 80 3.12 10.82 -11.18
C HIS A 80 4.55 11.20 -10.83
N LEU A 81 5.36 11.58 -11.81
CA LEU A 81 6.67 12.17 -11.54
C LEU A 81 6.59 13.68 -11.37
N ARG A 82 5.65 14.33 -12.05
CA ARG A 82 5.50 15.77 -11.91
C ARG A 82 4.77 16.16 -10.63
N SER A 83 4.32 15.18 -9.83
CA SER A 83 3.46 15.50 -8.70
C SER A 83 4.22 16.23 -7.60
N LYS A 84 5.42 15.78 -7.27
CA LYS A 84 6.15 16.33 -6.14
C LYS A 84 6.74 17.69 -6.48
N VAL A 85 7.65 18.15 -5.62
CA VAL A 85 8.29 19.43 -5.83
C VAL A 85 9.76 19.25 -6.17
N THR A 86 10.44 18.35 -5.45
CA THR A 86 11.81 18.03 -5.81
C THR A 86 11.90 17.62 -7.27
N ASN A 87 10.86 16.99 -7.79
CA ASN A 87 10.85 16.69 -9.21
C ASN A 87 10.75 17.96 -10.05
N PHE A 88 10.03 18.96 -9.57
CA PHE A 88 10.03 20.25 -10.27
C PHE A 88 11.44 20.76 -10.43
N PHE A 89 12.20 20.74 -9.34
CA PHE A 89 13.57 21.25 -9.43
C PHE A 89 14.43 20.40 -10.35
N VAL A 90 14.25 19.08 -10.32
CA VAL A 90 15.01 18.22 -11.21
C VAL A 90 14.68 18.51 -12.67
N ILE A 91 13.41 18.82 -12.96
CA ILE A 91 13.05 19.18 -14.33
C ILE A 91 13.73 20.47 -14.74
N SER A 92 13.76 21.45 -13.83
CA SER A 92 14.48 22.67 -14.13
C SER A 92 15.93 22.38 -14.48
N LEU A 93 16.57 21.52 -13.70
CA LEU A 93 17.96 21.16 -13.99
C LEU A 93 18.10 20.52 -15.36
N ALA A 94 17.23 19.55 -15.65
CA ALA A 94 17.34 18.85 -16.93
C ALA A 94 17.15 19.80 -18.09
N VAL A 95 16.23 20.76 -17.97
CA VAL A 95 16.01 21.69 -19.07
C VAL A 95 17.20 22.62 -19.21
N SER A 96 17.78 23.07 -18.10
CA SER A 96 18.97 23.89 -18.18
C SER A 96 20.08 23.15 -18.91
N ASP A 97 20.23 21.86 -18.63
CA ASP A 97 21.31 21.13 -19.29
C ASP A 97 21.01 20.87 -20.76
N LEU A 98 19.74 20.64 -21.09
CA LEU A 98 19.39 20.48 -22.49
C LEU A 98 19.64 21.75 -23.27
N LEU A 99 19.39 22.91 -22.65
CA LEU A 99 19.76 24.16 -23.27
C LEU A 99 21.27 24.25 -23.44
N VAL A 100 22.03 23.93 -22.39
CA VAL A 100 23.49 23.90 -22.52
C VAL A 100 23.87 23.15 -23.79
N ALA A 101 23.38 21.92 -23.92
CA ALA A 101 23.70 21.12 -25.08
C ALA A 101 23.34 21.85 -26.36
N VAL A 102 22.03 22.01 -26.60
CA VAL A 102 21.56 22.38 -27.93
C VAL A 102 22.04 23.78 -28.33
N LEU A 103 22.17 24.68 -27.37
CA LEU A 103 22.58 26.04 -27.70
C LEU A 103 24.09 26.15 -27.78
N VAL A 104 24.80 25.74 -26.74
CA VAL A 104 26.20 26.12 -26.63
C VAL A 104 27.12 25.07 -27.24
N MET A 105 26.87 23.78 -27.00
CA MET A 105 27.93 22.84 -27.32
C MET A 105 28.23 22.72 -28.81
N PRO A 106 27.25 22.45 -29.68
CA PRO A 106 27.60 22.08 -31.06
C PRO A 106 28.41 23.14 -31.76
N TRP A 107 28.09 24.41 -31.54
CA TRP A 107 28.87 25.45 -32.19
C TRP A 107 30.32 25.44 -31.72
N LYS A 108 30.55 25.23 -30.43
CA LYS A 108 31.92 25.19 -29.97
C LYS A 108 32.64 23.97 -30.53
N ALA A 109 31.94 22.87 -30.67
CA ALA A 109 32.57 21.69 -31.27
C ALA A 109 32.94 21.97 -32.73
N VAL A 110 32.05 22.64 -33.46
CA VAL A 110 32.34 22.99 -34.85
C VAL A 110 33.55 23.90 -34.93
N ALA A 111 33.58 24.94 -34.10
CA ALA A 111 34.73 25.84 -34.11
C ALA A 111 35.99 25.11 -33.69
N GLU A 112 35.85 24.06 -32.88
CA GLU A 112 37.02 23.31 -32.45
C GLU A 112 37.56 22.42 -33.54
N ILE A 113 36.66 21.84 -34.35
CA ILE A 113 37.11 21.00 -35.45
C ILE A 113 37.66 21.86 -36.59
N ALA A 114 36.84 22.76 -37.11
CA ALA A 114 37.24 23.55 -38.26
C ALA A 114 38.41 24.47 -37.95
N GLY A 115 38.55 24.90 -36.70
CA GLY A 115 39.62 25.77 -36.32
C GLY A 115 39.31 27.25 -36.41
N PHE A 116 38.38 27.65 -37.26
CA PHE A 116 37.96 29.04 -37.38
C PHE A 116 36.48 29.15 -37.03
N TRP A 117 36.12 30.25 -36.37
CA TRP A 117 34.74 30.45 -35.98
C TRP A 117 33.91 30.88 -37.18
N PRO A 118 33.05 30.01 -37.70
CA PRO A 118 32.32 30.30 -38.95
C PRO A 118 30.98 31.01 -38.77
N PHE A 119 30.69 31.61 -37.62
CA PHE A 119 29.38 32.20 -37.39
C PHE A 119 29.40 33.71 -37.25
N GLY A 120 30.52 34.31 -36.95
CA GLY A 120 30.64 35.76 -37.00
C GLY A 120 29.73 36.45 -36.00
N SER A 121 28.81 37.26 -36.52
CA SER A 121 27.95 38.10 -35.70
C SER A 121 27.12 37.32 -34.69
N PHE A 122 27.01 36.01 -34.86
CA PHE A 122 26.35 35.16 -33.89
C PHE A 122 27.03 35.16 -32.54
N CYS A 123 28.37 35.21 -32.49
CA CYS A 123 29.04 34.62 -31.35
C CYS A 123 28.91 35.48 -30.12
N ASN A 124 28.76 36.79 -30.28
CA ASN A 124 28.36 37.59 -29.13
C ASN A 124 27.19 36.94 -28.43
N ILE A 125 26.06 36.80 -29.14
CA ILE A 125 24.96 36.01 -28.61
C ILE A 125 25.46 34.70 -28.04
N TRP A 126 26.27 33.96 -28.80
CA TRP A 126 26.73 32.67 -28.30
C TRP A 126 27.39 32.81 -26.94
N VAL A 127 28.35 33.72 -26.79
CA VAL A 127 29.03 33.74 -25.50
C VAL A 127 28.01 34.03 -24.42
N ALA A 128 27.06 34.92 -24.70
CA ALA A 128 25.99 35.15 -23.76
C ALA A 128 25.27 33.86 -23.43
N PHE A 129 24.79 33.14 -24.45
CA PHE A 129 24.16 31.85 -24.19
C PHE A 129 24.99 31.00 -23.26
N ASP A 130 26.28 30.89 -23.53
CA ASP A 130 27.13 30.11 -22.65
C ASP A 130 26.98 30.59 -21.22
N ILE A 131 27.26 31.86 -20.99
CA ILE A 131 27.23 32.41 -19.64
C ILE A 131 25.87 32.16 -19.00
N MET A 132 24.81 32.12 -19.81
CA MET A 132 23.50 31.86 -19.24
C MET A 132 23.34 30.39 -18.91
N CYS A 133 23.56 29.52 -19.87
CA CYS A 133 23.20 28.14 -19.65
C CYS A 133 24.09 27.48 -18.60
N SER A 134 25.40 27.67 -18.68
CA SER A 134 26.28 27.17 -17.65
C SER A 134 26.04 27.82 -16.30
N THR A 135 25.13 28.78 -16.21
CA THR A 135 24.72 29.30 -14.91
C THR A 135 23.31 28.89 -14.54
N ALA A 136 22.48 28.51 -15.51
CA ALA A 136 21.23 27.89 -15.14
C ALA A 136 21.47 26.48 -14.63
N SER A 137 22.66 25.94 -14.88
CA SER A 137 22.98 24.61 -14.36
C SER A 137 23.44 24.69 -12.92
N ILE A 138 24.56 25.36 -12.67
CA ILE A 138 25.10 25.40 -11.31
C ILE A 138 24.07 25.92 -10.33
N LEU A 139 23.51 27.11 -10.59
CA LEU A 139 22.41 27.61 -9.76
C LEU A 139 21.42 26.50 -9.44
N ASN A 140 20.91 25.82 -10.47
CA ASN A 140 19.90 24.80 -10.19
C ASN A 140 20.42 23.74 -9.23
N LEU A 141 21.64 23.24 -9.43
CA LEU A 141 22.18 22.31 -8.45
C LEU A 141 22.06 22.89 -7.06
N CYS A 142 22.57 24.10 -6.85
CA CYS A 142 22.42 24.74 -5.55
C CYS A 142 20.99 24.66 -5.07
N VAL A 143 20.04 25.12 -5.89
CA VAL A 143 18.64 25.05 -5.48
C VAL A 143 18.28 23.64 -5.06
N ILE A 144 18.52 22.64 -5.91
CA ILE A 144 18.15 21.29 -5.56
C ILE A 144 18.76 20.91 -4.23
N SER A 145 20.04 21.24 -4.03
CA SER A 145 20.65 20.94 -2.75
C SER A 145 19.87 21.56 -1.61
N VAL A 146 19.64 22.88 -1.66
CA VAL A 146 18.84 23.52 -0.63
C VAL A 146 17.51 22.81 -0.48
N ASP A 147 16.87 22.44 -1.59
CA ASP A 147 15.62 21.71 -1.48
C ASP A 147 15.77 20.52 -0.56
N ARG A 148 16.71 19.61 -0.88
CA ARG A 148 16.89 18.43 -0.06
C ARG A 148 17.07 18.81 1.40
N TYR A 149 17.82 19.87 1.66
CA TYR A 149 18.09 20.23 3.05
C TYR A 149 16.81 20.51 3.81
N TRP A 150 15.89 21.29 3.22
CA TRP A 150 14.67 21.61 3.94
C TRP A 150 13.88 20.34 4.23
N ALA A 151 13.99 19.34 3.37
CA ALA A 151 13.23 18.13 3.58
C ALA A 151 13.94 17.13 4.46
N ILE A 152 15.09 17.48 5.04
CA ILE A 152 15.76 16.61 5.99
C ILE A 152 16.06 17.33 7.29
N SER A 153 16.23 18.64 7.27
CA SER A 153 16.46 19.37 8.50
C SER A 153 15.18 19.86 9.16
N SER A 154 14.07 19.90 8.42
CA SER A 154 12.80 20.39 8.95
C SER A 154 11.67 19.80 8.12
N PRO A 155 11.35 18.53 8.34
CA PRO A 155 10.37 17.88 7.45
C PRO A 155 8.97 18.45 7.58
N PHE A 156 8.53 18.79 8.79
CA PHE A 156 7.20 19.35 8.96
C PHE A 156 7.08 20.72 8.30
N ARG A 157 7.97 21.63 8.68
CA ARG A 157 7.97 22.95 8.07
C ARG A 157 8.06 22.85 6.56
N TYR A 158 8.86 21.92 6.06
CA TYR A 158 8.97 21.74 4.62
C TYR A 158 7.63 21.37 4.03
N GLU A 159 6.99 20.33 4.56
CA GLU A 159 5.77 19.86 3.93
C GLU A 159 4.66 20.90 4.02
N ARG A 160 4.76 21.84 4.97
CA ARG A 160 3.76 22.90 5.00
C ARG A 160 4.07 24.02 4.02
N LYS A 161 5.25 24.62 4.13
CA LYS A 161 5.49 25.89 3.47
C LYS A 161 5.88 25.75 2.00
N MET A 162 6.64 24.75 1.61
CA MET A 162 7.06 24.63 0.22
C MET A 162 5.90 24.12 -0.61
N THR A 163 5.05 25.04 -1.02
CA THR A 163 3.94 24.81 -1.94
C THR A 163 4.38 25.18 -3.35
N PRO A 164 3.81 24.51 -4.38
CA PRO A 164 4.28 24.74 -5.75
C PRO A 164 4.48 26.20 -6.14
N LYS A 165 3.82 27.12 -5.44
CA LYS A 165 4.12 28.53 -5.65
C LYS A 165 5.55 28.86 -5.25
N ALA A 166 6.01 28.33 -4.11
CA ALA A 166 7.39 28.58 -3.72
C ALA A 166 8.36 27.86 -4.65
N ALA A 167 7.97 26.69 -5.15
CA ALA A 167 8.81 26.02 -6.13
C ALA A 167 9.00 26.88 -7.37
N PHE A 168 7.89 27.45 -7.87
CA PHE A 168 8.00 28.29 -9.05
C PHE A 168 8.78 29.56 -8.76
N ILE A 169 8.64 30.11 -7.56
CA ILE A 169 9.42 31.30 -7.23
C ILE A 169 10.91 30.99 -7.21
N LEU A 170 11.28 29.82 -6.67
CA LEU A 170 12.70 29.47 -6.63
C LEU A 170 13.25 29.22 -8.02
N ILE A 171 12.53 28.45 -8.84
CA ILE A 171 12.95 28.21 -10.22
C ILE A 171 13.08 29.53 -10.95
N SER A 172 12.15 30.45 -10.72
CA SER A 172 12.21 31.75 -11.37
C SER A 172 13.43 32.52 -10.94
N VAL A 173 13.74 32.52 -9.64
CA VAL A 173 14.93 33.24 -9.20
C VAL A 173 16.18 32.67 -9.84
N ALA A 174 16.28 31.34 -9.91
CA ALA A 174 17.46 30.74 -10.55
C ALA A 174 17.57 31.17 -12.01
N TRP A 175 16.55 30.88 -12.80
CA TRP A 175 16.63 31.15 -14.22
C TRP A 175 16.78 32.64 -14.51
N THR A 176 16.16 33.49 -13.70
CA THR A 176 16.24 34.92 -13.93
C THR A 176 17.61 35.45 -13.58
N LEU A 177 18.19 34.99 -12.48
CA LEU A 177 19.58 35.35 -12.22
C LEU A 177 20.46 34.94 -13.39
N SER A 178 20.20 33.77 -13.97
CA SER A 178 20.97 33.34 -15.11
C SER A 178 20.83 34.30 -16.28
N VAL A 179 19.60 34.49 -16.75
CA VAL A 179 19.37 35.32 -17.94
C VAL A 179 19.90 36.73 -17.71
N LEU A 180 19.61 37.31 -16.56
CA LEU A 180 20.11 38.65 -16.28
C LEU A 180 21.63 38.69 -16.36
N ILE A 181 22.31 37.94 -15.48
CA ILE A 181 23.76 38.07 -15.37
C ILE A 181 24.44 37.73 -16.69
N SER A 182 23.77 36.97 -17.55
CA SER A 182 24.39 36.67 -18.83
C SER A 182 24.13 37.77 -19.85
N PHE A 183 22.87 37.93 -20.26
CA PHE A 183 22.59 38.78 -21.40
C PHE A 183 22.87 40.24 -21.10
N ILE A 184 22.42 40.72 -19.94
CA ILE A 184 22.42 42.16 -19.72
C ILE A 184 23.84 42.73 -19.84
N PRO A 185 24.88 42.10 -19.28
CA PRO A 185 26.22 42.67 -19.51
C PRO A 185 26.78 42.37 -20.89
N VAL A 186 26.24 41.39 -21.61
CA VAL A 186 26.74 41.12 -22.96
C VAL A 186 26.26 42.20 -23.92
N GLN A 187 24.94 42.35 -24.06
CA GLN A 187 24.40 43.31 -25.02
C GLN A 187 24.89 44.71 -24.73
N LEU A 188 25.29 44.99 -23.50
CA LEU A 188 25.92 46.24 -23.16
C LEU A 188 27.43 46.18 -23.25
N SER A 189 27.98 45.07 -23.75
CA SER A 189 29.41 44.97 -24.04
C SER A 189 30.27 45.28 -22.82
N TRP A 190 29.88 44.74 -21.67
CA TRP A 190 30.70 44.82 -20.48
C TRP A 190 31.57 43.60 -20.28
N HIS A 191 31.30 42.52 -21.02
CA HIS A 191 32.03 41.28 -20.76
C HIS A 191 33.41 41.29 -21.41
N LYS A 192 33.63 42.14 -22.41
CA LYS A 192 34.91 42.20 -23.10
C LYS A 192 35.81 43.26 -22.46
N ALA A 193 37.08 42.92 -22.32
CA ALA A 193 38.02 43.81 -21.65
C ALA A 193 38.43 44.95 -22.56
N LYS A 194 38.76 46.09 -21.95
CA LYS A 194 39.13 47.28 -22.70
C LYS A 194 40.50 47.12 -23.33
N ASP A 211 36.50 34.28 -39.19
CA ASP A 211 37.60 34.61 -38.30
C ASP A 211 37.47 33.83 -37.00
N ASN A 212 38.16 34.32 -35.97
CA ASN A 212 37.96 33.87 -34.61
C ASN A 212 37.29 34.99 -33.85
N CYS A 213 36.41 34.64 -32.93
CA CYS A 213 35.70 35.67 -32.17
C CYS A 213 36.12 35.56 -30.72
N ASP A 214 36.46 36.69 -30.13
CA ASP A 214 36.94 36.72 -28.77
C ASP A 214 35.84 36.29 -27.82
N SER A 215 36.22 35.52 -26.80
CA SER A 215 35.33 35.19 -25.70
C SER A 215 35.98 35.47 -24.36
N SER A 216 37.14 36.11 -24.36
CA SER A 216 37.86 36.35 -23.12
C SER A 216 37.12 37.38 -22.30
N LEU A 217 36.48 36.92 -21.23
CA LEU A 217 35.66 37.78 -20.39
C LEU A 217 36.55 38.83 -19.72
N SER A 218 35.99 40.02 -19.56
CA SER A 218 36.70 41.15 -18.97
C SER A 218 37.12 40.76 -17.56
N ARG A 219 38.18 41.36 -17.03
CA ARG A 219 38.76 40.92 -15.79
C ARG A 219 37.79 41.06 -14.62
N THR A 220 37.02 42.15 -14.59
CA THR A 220 36.09 42.32 -13.49
C THR A 220 34.85 41.45 -13.68
N TYR A 221 34.39 41.30 -14.92
CA TYR A 221 33.20 40.49 -15.13
C TYR A 221 33.50 39.03 -14.91
N ALA A 222 34.68 38.58 -15.31
CA ALA A 222 35.04 37.20 -15.05
C ALA A 222 34.95 36.89 -13.57
N ILE A 223 35.67 37.64 -12.75
CA ILE A 223 35.70 37.35 -11.32
C ILE A 223 34.32 37.53 -10.69
N SER A 224 33.57 38.55 -11.13
CA SER A 224 32.27 38.77 -10.50
C SER A 224 31.27 37.68 -10.84
N SER A 225 31.02 37.45 -12.13
CA SER A 225 30.08 36.41 -12.50
C SER A 225 30.60 35.06 -12.06
N SER A 226 31.91 34.90 -11.91
CA SER A 226 32.44 33.65 -11.39
C SER A 226 32.09 33.49 -9.93
N VAL A 227 32.38 34.50 -9.11
CA VAL A 227 32.02 34.46 -7.70
C VAL A 227 30.57 34.06 -7.56
N ILE A 228 29.66 34.77 -8.23
CA ILE A 228 28.26 34.37 -8.16
C ILE A 228 28.13 32.92 -8.60
N SER A 229 28.32 32.65 -9.89
CA SER A 229 27.81 31.43 -10.51
C SER A 229 28.43 30.18 -9.89
N PHE A 230 29.67 30.27 -9.42
CA PHE A 230 30.26 29.11 -8.77
C PHE A 230 30.30 29.28 -7.26
N TYR A 231 31.02 30.29 -6.78
CA TYR A 231 31.40 30.27 -5.37
C TYR A 231 30.21 30.53 -4.47
N ILE A 232 29.08 31.02 -4.99
CA ILE A 232 27.94 31.07 -4.09
C ILE A 232 27.27 29.70 -4.11
N PRO A 233 26.99 29.10 -5.26
CA PRO A 233 26.45 27.73 -5.22
C PRO A 233 27.37 26.71 -4.60
N VAL A 234 28.68 26.78 -4.77
CA VAL A 234 29.48 25.72 -4.16
C VAL A 234 29.52 25.92 -2.65
N ALA A 235 29.47 27.15 -2.18
CA ALA A 235 29.42 27.35 -0.73
C ALA A 235 28.12 26.82 -0.17
N ILE A 236 26.99 27.19 -0.79
CA ILE A 236 25.71 26.71 -0.32
C ILE A 236 25.66 25.19 -0.38
N MET A 237 26.20 24.59 -1.45
CA MET A 237 26.09 23.15 -1.57
C MET A 237 26.96 22.43 -0.56
N ILE A 238 28.17 22.91 -0.31
CA ILE A 238 29.02 22.24 0.67
C ILE A 238 28.42 22.37 2.06
N VAL A 239 27.96 23.55 2.43
CA VAL A 239 27.33 23.69 3.75
C VAL A 239 26.14 22.77 3.87
N THR A 240 25.24 22.79 2.89
CA THR A 240 24.05 21.96 2.95
C THR A 240 24.40 20.49 3.07
N TYR A 241 25.30 20.01 2.22
CA TYR A 241 25.55 18.57 2.21
C TYR A 241 26.35 18.13 3.42
N THR A 242 27.17 19.00 4.00
CA THR A 242 27.80 18.59 5.25
C THR A 242 26.79 18.53 6.39
N ARG A 243 25.76 19.39 6.35
CA ARG A 243 24.73 19.27 7.38
C ARG A 243 23.90 18.00 7.19
N ILE A 244 23.53 17.69 5.96
CA ILE A 244 22.80 16.45 5.71
C ILE A 244 23.65 15.26 6.14
N TYR A 245 24.96 15.34 5.97
CA TYR A 245 25.79 14.23 6.41
C TYR A 245 25.78 14.10 7.91
N ARG A 246 25.91 15.22 8.63
CA ARG A 246 25.85 15.13 10.09
C ARG A 246 24.55 14.47 10.53
N ILE A 247 23.44 14.85 9.91
CA ILE A 247 22.15 14.31 10.32
C ILE A 247 22.08 12.81 10.04
N ALA A 248 22.51 12.40 8.84
CA ALA A 248 22.44 10.98 8.51
C ALA A 248 23.37 10.16 9.38
N GLN A 249 24.51 10.71 9.76
CA GLN A 249 25.41 10.01 10.66
C GLN A 249 24.77 9.83 12.03
N LYS A 250 24.09 10.87 12.52
CA LYS A 250 23.36 10.75 13.78
C LYS A 250 22.35 9.60 13.72
N GLN A 251 21.51 9.59 12.68
CA GLN A 251 20.51 8.55 12.59
C GLN A 251 21.14 7.17 12.43
N ILE A 252 22.27 7.08 11.72
CA ILE A 252 22.92 5.79 11.55
C ILE A 252 23.40 5.28 12.90
N ARG A 253 24.04 6.13 13.68
CA ARG A 253 24.50 5.71 15.00
C ARG A 253 23.33 5.22 15.84
N ARG A 254 22.19 5.91 15.77
CA ARG A 254 21.06 5.51 16.58
C ARG A 254 20.51 4.14 16.17
N ILE A 255 20.27 3.95 14.87
CA ILE A 255 19.75 2.66 14.41
C ILE A 255 20.72 1.55 14.75
N ALA A 256 22.02 1.82 14.65
CA ALA A 256 23.01 0.80 14.99
C ALA A 256 22.94 0.47 16.47
N ALA A 257 22.69 1.47 17.31
CA ALA A 257 22.52 1.19 18.73
C ALA A 257 21.39 0.20 18.95
N LEU A 258 20.23 0.47 18.36
CA LEU A 258 19.10 -0.45 18.56
C LEU A 258 19.40 -1.84 18.01
N GLU A 259 19.96 -1.91 16.80
CA GLU A 259 20.19 -3.20 16.18
C GLU A 259 21.23 -4.00 16.93
N ARG A 260 22.23 -3.33 17.48
CA ARG A 260 23.25 -4.01 18.27
C ARG A 260 22.66 -4.51 19.57
N ALA A 261 21.75 -3.75 20.17
CA ALA A 261 21.02 -4.26 21.33
C ALA A 261 20.27 -5.54 20.98
N ALA A 262 19.56 -5.53 19.85
CA ALA A 262 18.82 -6.72 19.44
C ALA A 262 19.74 -7.91 19.24
N VAL A 263 20.81 -7.73 18.48
CA VAL A 263 21.68 -8.88 18.18
C VAL A 263 22.41 -9.34 19.43
N HIS A 264 22.69 -8.44 20.37
CA HIS A 264 23.30 -8.86 21.62
C HIS A 264 22.33 -9.69 22.43
N ALA A 265 21.05 -9.34 22.40
CA ALA A 265 20.05 -10.24 22.98
C ALA A 265 20.04 -11.57 22.26
N LYS A 266 20.24 -11.55 20.94
CA LYS A 266 20.18 -12.79 20.16
C LYS A 266 21.31 -13.74 20.50
N ASN A 267 22.53 -13.22 20.68
CA ASN A 267 23.64 -14.09 21.04
C ASN A 267 23.38 -14.78 22.38
N CYS A 268 22.78 -14.06 23.32
CA CYS A 268 22.48 -14.62 24.63
C CYS A 268 21.40 -15.69 24.54
N PHE A 291 28.60 0.72 10.35
CA PHE A 291 29.66 1.41 9.63
C PHE A 291 29.53 1.22 8.13
N LYS A 292 28.82 0.17 7.73
CA LYS A 292 28.58 -0.06 6.31
C LYS A 292 27.62 0.97 5.74
N ARG A 293 26.48 1.19 6.42
CA ARG A 293 25.57 2.23 5.97
C ARG A 293 26.22 3.59 6.03
N GLU A 294 27.10 3.82 7.01
CA GLU A 294 27.89 5.04 7.00
C GLU A 294 28.71 5.15 5.72
N THR A 295 29.29 4.04 5.29
CA THR A 295 30.02 4.04 4.02
C THR A 295 29.09 4.34 2.86
N LYS A 296 27.85 3.89 2.91
CA LYS A 296 26.92 4.21 1.82
C LYS A 296 26.62 5.71 1.77
N VAL A 297 26.35 6.31 2.93
CA VAL A 297 26.18 7.76 2.99
C VAL A 297 27.38 8.46 2.39
N LEU A 298 28.57 8.08 2.87
CA LEU A 298 29.78 8.71 2.39
C LEU A 298 29.93 8.56 0.89
N LYS A 299 29.62 7.38 0.36
CA LYS A 299 29.76 7.15 -1.06
C LYS A 299 28.85 8.05 -1.86
N THR A 300 27.58 8.16 -1.47
CA THR A 300 26.67 8.94 -2.30
C THR A 300 26.93 10.43 -2.20
N LEU A 301 27.17 10.95 -0.98
CA LEU A 301 27.49 12.37 -0.88
C LEU A 301 28.79 12.68 -1.59
N SER A 302 29.80 11.82 -1.45
CA SER A 302 31.05 12.05 -2.14
C SER A 302 30.84 12.03 -3.64
N VAL A 303 30.04 11.11 -4.15
CA VAL A 303 29.78 11.09 -5.59
C VAL A 303 29.18 12.40 -6.03
N ILE A 304 28.12 12.86 -5.37
CA ILE A 304 27.44 14.07 -5.82
C ILE A 304 28.38 15.27 -5.78
N MET A 305 28.85 15.61 -4.58
CA MET A 305 29.65 16.81 -4.42
C MET A 305 30.97 16.69 -5.18
N GLY A 306 31.52 15.48 -5.27
CA GLY A 306 32.82 15.32 -5.90
C GLY A 306 32.74 15.37 -7.41
N VAL A 307 31.67 14.83 -7.99
CA VAL A 307 31.49 15.00 -9.43
C VAL A 307 31.28 16.46 -9.75
N PHE A 308 30.42 17.14 -9.01
CA PHE A 308 30.23 18.56 -9.25
C PHE A 308 31.55 19.31 -9.18
N VAL A 309 32.32 19.10 -8.12
CA VAL A 309 33.54 19.87 -7.95
C VAL A 309 34.59 19.47 -8.97
N CYS A 310 34.89 18.18 -9.08
CA CYS A 310 35.93 17.73 -10.01
C CYS A 310 35.56 18.03 -11.46
N CYS A 311 34.29 18.35 -11.74
CA CYS A 311 33.93 18.69 -13.11
C CYS A 311 33.93 20.19 -13.36
N TRP A 312 33.52 20.98 -12.37
CA TRP A 312 33.42 22.42 -12.65
C TRP A 312 34.59 23.20 -12.08
N LEU A 313 35.13 22.80 -10.93
CA LEU A 313 36.06 23.65 -10.20
C LEU A 313 37.27 24.09 -11.03
N PRO A 314 37.92 23.24 -11.82
CA PRO A 314 39.07 23.73 -12.57
C PRO A 314 38.71 24.90 -13.48
N PHE A 315 37.58 24.86 -14.15
CA PHE A 315 37.23 25.92 -15.10
C PHE A 315 37.13 27.11 -14.29
N PHE A 316 36.37 27.05 -13.24
CA PHE A 316 36.19 28.27 -12.52
C PHE A 316 37.46 28.72 -11.88
N ILE A 317 38.34 27.84 -11.50
CA ILE A 317 39.58 28.37 -10.94
C ILE A 317 40.35 29.18 -11.97
N LEU A 318 40.44 28.76 -13.21
CA LEU A 318 41.06 29.58 -14.23
C LEU A 318 40.30 30.83 -14.51
N ASN A 319 38.98 30.78 -14.62
CA ASN A 319 38.29 31.97 -15.00
C ASN A 319 38.76 32.98 -14.04
N CYS A 320 39.03 32.59 -12.83
CA CYS A 320 39.62 33.50 -11.86
C CYS A 320 41.02 33.92 -12.29
N ILE A 321 41.91 32.97 -12.54
CA ILE A 321 43.33 33.32 -12.65
C ILE A 321 43.67 33.87 -14.03
N LEU A 322 43.06 33.32 -15.08
CA LEU A 322 43.52 33.59 -16.45
C LEU A 322 43.33 35.04 -16.88
N PRO A 323 42.11 35.59 -16.92
CA PRO A 323 41.98 36.97 -17.40
C PRO A 323 42.74 37.94 -16.53
N PHE A 324 42.93 37.59 -15.26
CA PHE A 324 43.68 38.43 -14.34
C PHE A 324 45.15 38.47 -14.71
N CYS A 325 45.71 37.32 -15.08
CA CYS A 325 47.14 37.20 -15.35
C CYS A 325 47.49 37.24 -16.83
N GLY A 326 46.54 36.95 -17.71
CA GLY A 326 46.82 36.85 -19.13
C GLY A 326 47.35 38.12 -19.78
N PHE A 333 52.09 28.96 -14.12
CA PHE A 333 51.75 30.33 -14.45
C PHE A 333 50.49 30.39 -15.31
N CYS A 334 50.59 31.05 -16.46
CA CYS A 334 49.47 31.13 -17.38
C CYS A 334 49.40 29.89 -18.26
N ILE A 335 48.31 29.78 -19.00
CA ILE A 335 48.04 28.59 -19.80
C ILE A 335 47.75 28.97 -21.24
N ASP A 336 47.49 27.98 -22.08
CA ASP A 336 47.21 28.20 -23.49
C ASP A 336 45.75 27.89 -23.78
N SER A 337 45.33 28.22 -24.99
CA SER A 337 43.92 28.08 -25.35
C SER A 337 43.47 26.62 -25.31
N ASN A 338 44.40 25.68 -25.56
CA ASN A 338 43.99 24.29 -25.60
C ASN A 338 43.68 23.75 -24.21
N THR A 339 44.52 24.06 -23.22
CA THR A 339 44.23 23.62 -21.87
C THR A 339 42.98 24.30 -21.33
N PHE A 340 42.88 25.61 -21.52
CA PHE A 340 41.66 26.30 -21.09
C PHE A 340 40.45 25.72 -21.77
N ASP A 341 40.59 25.26 -23.01
CA ASP A 341 39.44 24.76 -23.75
C ASP A 341 39.03 23.39 -23.23
N VAL A 342 39.98 22.52 -22.89
CA VAL A 342 39.59 21.23 -22.34
C VAL A 342 38.97 21.40 -20.96
N PHE A 343 39.53 22.29 -20.15
CA PHE A 343 38.94 22.53 -18.85
C PHE A 343 37.56 23.17 -18.99
N VAL A 344 37.34 23.95 -20.05
CA VAL A 344 35.99 24.42 -20.36
C VAL A 344 35.09 23.24 -20.60
N TRP A 345 35.52 22.32 -21.47
CA TRP A 345 34.72 21.16 -21.80
C TRP A 345 34.32 20.35 -20.59
N PHE A 346 35.13 20.36 -19.53
CA PHE A 346 34.72 19.62 -18.33
C PHE A 346 33.39 20.12 -17.77
N GLY A 347 33.12 21.42 -17.86
CA GLY A 347 31.87 21.93 -17.33
C GLY A 347 30.67 21.33 -18.03
N TRP A 348 30.67 21.38 -19.35
CA TRP A 348 29.58 20.76 -20.06
C TRP A 348 29.61 19.25 -19.92
N ALA A 349 30.75 18.66 -19.54
CA ALA A 349 30.74 17.24 -19.21
C ALA A 349 29.91 16.97 -17.96
N ASN A 350 30.07 17.79 -16.93
CA ASN A 350 29.16 17.67 -15.78
C ASN A 350 27.72 17.86 -16.22
N SER A 351 27.48 18.81 -17.12
CA SER A 351 26.14 18.99 -17.62
C SER A 351 25.65 17.73 -18.33
N SER A 352 26.59 16.88 -18.74
CA SER A 352 26.18 15.60 -19.32
C SER A 352 25.86 14.58 -18.23
N LEU A 353 26.65 14.55 -17.17
CA LEU A 353 26.46 13.52 -16.13
C LEU A 353 25.28 13.82 -15.22
N ASN A 354 24.78 15.05 -15.19
CA ASN A 354 23.74 15.41 -14.24
C ASN A 354 22.54 14.47 -14.23
N PRO A 355 22.03 13.98 -15.37
CA PRO A 355 20.87 13.10 -15.29
C PRO A 355 21.07 11.85 -14.44
N ILE A 356 22.15 11.09 -14.63
CA ILE A 356 22.25 9.82 -13.92
C ILE A 356 22.49 10.05 -12.44
N ILE A 357 22.99 11.23 -12.08
CA ILE A 357 23.29 11.44 -10.68
C ILE A 357 22.13 12.10 -9.96
N TYR A 358 21.24 12.78 -10.68
CA TYR A 358 20.10 13.44 -10.06
C TYR A 358 18.76 12.87 -10.52
N ALA A 359 18.76 11.85 -11.36
CA ALA A 359 17.50 11.30 -11.82
C ALA A 359 17.52 9.78 -11.92
N PHE A 360 18.10 9.10 -10.94
CA PHE A 360 17.99 7.65 -10.81
C PHE A 360 17.26 7.22 -9.54
N ASN A 361 16.15 7.87 -9.22
CA ASN A 361 15.23 7.25 -8.29
C ASN A 361 14.55 6.07 -8.97
N ALA A 362 14.04 5.14 -8.17
CA ALA A 362 13.48 3.91 -8.72
C ALA A 362 12.39 4.21 -9.75
N ASP A 363 11.50 5.16 -9.44
CA ASP A 363 10.46 5.52 -10.39
C ASP A 363 11.06 6.10 -11.67
N PHE A 364 12.10 6.91 -11.54
CA PHE A 364 12.79 7.38 -12.74
C PHE A 364 13.36 6.23 -13.53
N ARG A 365 13.96 5.24 -12.85
CA ARG A 365 14.50 4.09 -13.54
C ARG A 365 13.41 3.37 -14.34
N LYS A 366 12.27 3.13 -13.71
CA LYS A 366 11.21 2.38 -14.39
C LYS A 366 10.60 3.19 -15.52
N ALA A 367 10.48 4.51 -15.36
CA ALA A 367 9.96 5.33 -16.44
C ALA A 367 10.90 5.32 -17.63
N PHE A 368 12.21 5.40 -17.37
CA PHE A 368 13.17 5.28 -18.46
C PHE A 368 13.06 3.92 -19.14
N SER A 369 12.95 2.85 -18.34
CA SER A 369 12.92 1.51 -18.90
C SER A 369 11.70 1.31 -19.78
N THR A 370 10.55 1.89 -19.38
CA THR A 370 9.37 1.77 -20.23
C THR A 370 9.38 2.77 -21.37
N LEU A 371 10.17 3.84 -21.29
CA LEU A 371 10.26 4.77 -22.40
C LEU A 371 11.14 4.21 -23.52
N LEU A 372 12.42 3.99 -23.23
CA LEU A 372 13.31 3.53 -24.29
C LEU A 372 13.04 2.09 -24.67
N GLY A 373 12.61 1.26 -23.72
CA GLY A 373 12.29 -0.12 -24.00
C GLY A 373 12.96 -1.12 -23.09
N GLN B 7 -26.36 24.18 -26.25
CA GLN B 7 -25.89 23.00 -25.54
C GLN B 7 -24.46 23.18 -25.08
N ARG B 8 -23.76 24.08 -25.76
CA ARG B 8 -22.46 24.55 -25.33
C ARG B 8 -22.53 25.35 -24.04
N ASN B 9 -23.63 26.05 -23.78
CA ASN B 9 -23.78 26.69 -22.48
C ASN B 9 -23.74 25.69 -21.33
N GLU B 10 -24.38 24.52 -21.46
CA GLU B 10 -24.27 23.58 -20.35
C GLU B 10 -22.85 23.05 -20.21
N GLU B 11 -22.09 23.04 -21.31
CA GLU B 11 -20.69 22.69 -21.24
C GLU B 11 -19.89 23.77 -20.50
N LYS B 12 -20.28 25.03 -20.66
CA LYS B 12 -19.52 26.05 -19.93
C LYS B 12 -19.92 26.05 -18.48
N ALA B 13 -21.16 25.66 -18.19
CA ALA B 13 -21.56 25.60 -16.78
C ALA B 13 -20.87 24.43 -16.11
N GLN B 14 -20.68 23.34 -16.85
CA GLN B 14 -19.99 22.21 -16.28
C GLN B 14 -18.53 22.57 -16.06
N ARG B 15 -17.97 23.41 -16.95
CA ARG B 15 -16.57 23.76 -16.83
C ARG B 15 -16.34 24.65 -15.62
N GLU B 16 -17.27 25.56 -15.34
CA GLU B 16 -17.08 26.39 -14.16
C GLU B 16 -17.48 25.69 -12.87
N ALA B 17 -18.36 24.70 -12.95
CA ALA B 17 -18.57 23.81 -11.81
C ALA B 17 -17.32 23.01 -11.51
N ASN B 18 -16.63 22.53 -12.54
CA ASN B 18 -15.36 21.88 -12.33
C ASN B 18 -14.33 22.85 -11.76
N LYS B 19 -14.39 24.11 -12.13
CA LYS B 19 -13.41 25.04 -11.58
C LYS B 19 -13.66 25.27 -10.09
N LYS B 20 -14.93 25.44 -9.69
CA LYS B 20 -15.22 25.62 -8.28
C LYS B 20 -14.85 24.37 -7.50
N ILE B 21 -14.94 23.21 -8.15
CA ILE B 21 -14.62 21.99 -7.45
C ILE B 21 -13.13 21.91 -7.25
N GLU B 22 -12.36 22.14 -8.31
CA GLU B 22 -10.93 21.95 -8.20
C GLU B 22 -10.32 22.93 -7.21
N LYS B 23 -10.89 24.14 -7.10
CA LYS B 23 -10.29 25.03 -6.11
C LYS B 23 -10.73 24.74 -4.68
N GLN B 24 -11.91 24.14 -4.49
CA GLN B 24 -12.19 23.61 -3.17
C GLN B 24 -11.31 22.41 -2.85
N LEU B 25 -11.08 21.55 -3.84
CA LEU B 25 -10.19 20.42 -3.64
C LEU B 25 -8.76 20.84 -3.43
N GLN B 26 -8.36 22.02 -3.92
CA GLN B 26 -6.99 22.47 -3.65
C GLN B 26 -6.83 22.90 -2.20
N LYS B 27 -7.85 23.57 -1.65
CA LYS B 27 -7.76 23.91 -0.24
C LYS B 27 -7.85 22.65 0.62
N ASP B 28 -8.66 21.69 0.19
CA ASP B 28 -8.75 20.44 0.94
C ASP B 28 -7.44 19.68 0.84
N LYS B 29 -6.76 19.76 -0.30
CA LYS B 29 -5.47 19.10 -0.45
C LYS B 29 -4.48 19.68 0.52
N GLN B 30 -4.45 20.99 0.69
CA GLN B 30 -3.47 21.53 1.63
C GLN B 30 -3.77 21.09 3.07
N VAL B 31 -5.05 21.01 3.42
CA VAL B 31 -5.37 20.55 4.78
C VAL B 31 -5.00 19.08 4.96
N TYR B 32 -5.42 18.22 4.03
CA TYR B 32 -5.04 16.81 4.14
C TYR B 32 -3.55 16.60 4.08
N ARG B 33 -2.82 17.40 3.31
CA ARG B 33 -1.39 17.21 3.22
C ARG B 33 -0.69 17.54 4.51
N ALA B 34 -1.25 18.42 5.34
CA ALA B 34 -0.46 18.76 6.51
C ALA B 34 -0.86 18.02 7.77
N THR B 35 -1.81 17.09 7.68
CA THR B 35 -2.29 16.34 8.84
C THR B 35 -1.61 14.96 8.88
N HIS B 36 -1.00 14.63 10.02
CA HIS B 36 -0.35 13.33 10.27
C HIS B 36 -1.27 12.33 10.96
N ARG B 37 -1.81 11.38 10.19
CA ARG B 37 -2.68 10.36 10.73
C ARG B 37 -1.89 9.31 11.51
N LEU B 38 -2.37 8.99 12.71
CA LEU B 38 -1.78 8.05 13.64
C LEU B 38 -2.78 7.01 14.08
N LEU B 39 -2.48 5.73 13.90
CA LEU B 39 -3.40 4.69 14.30
C LEU B 39 -2.95 4.19 15.67
N LEU B 40 -3.89 4.13 16.60
CA LEU B 40 -3.61 3.63 17.94
C LEU B 40 -4.08 2.18 17.98
N LEU B 41 -3.16 1.29 18.31
CA LEU B 41 -3.50 -0.11 18.40
C LEU B 41 -2.95 -0.69 19.70
N GLY B 42 -3.48 -1.82 20.08
CA GLY B 42 -3.03 -2.45 21.31
C GLY B 42 -4.17 -3.16 22.00
N ALA B 43 -3.79 -4.07 22.90
CA ALA B 43 -4.77 -4.84 23.64
C ALA B 43 -5.58 -3.93 24.57
N ASP B 44 -6.70 -4.47 25.04
CA ASP B 44 -7.38 -3.90 26.19
C ASP B 44 -6.64 -4.30 27.46
N ASN B 45 -7.10 -3.80 28.60
CA ASN B 45 -6.34 -3.92 29.84
C ASN B 45 -4.94 -3.38 29.66
N SER B 46 -4.81 -2.40 28.76
CA SER B 46 -3.58 -1.68 28.48
C SER B 46 -3.81 -0.21 28.78
N GLY B 47 -2.92 0.63 28.30
CA GLY B 47 -3.09 2.05 28.50
C GLY B 47 -3.46 2.91 27.31
N LYS B 48 -4.01 2.36 26.24
CA LYS B 48 -4.31 3.21 25.08
C LYS B 48 -5.34 4.27 25.45
N SER B 49 -6.45 3.86 26.04
CA SER B 49 -7.46 4.85 26.36
C SER B 49 -6.96 5.86 27.37
N THR B 50 -6.09 5.44 28.30
CA THR B 50 -5.56 6.43 29.22
C THR B 50 -4.64 7.40 28.52
N ILE B 51 -3.92 6.94 27.48
CA ILE B 51 -3.07 7.85 26.73
C ILE B 51 -3.91 8.88 26.01
N VAL B 52 -5.02 8.44 25.42
CA VAL B 52 -5.86 9.41 24.74
C VAL B 52 -6.52 10.37 25.71
N LYS B 53 -6.97 9.87 26.87
CA LYS B 53 -7.54 10.78 27.87
C LYS B 53 -6.52 11.81 28.34
N GLN B 54 -5.28 11.40 28.59
CA GLN B 54 -4.29 12.37 29.06
C GLN B 54 -3.93 13.39 27.99
N MET B 55 -3.80 12.98 26.73
CA MET B 55 -3.44 13.95 25.70
C MET B 55 -4.55 14.95 25.40
N ARG B 56 -5.81 14.51 25.42
CA ARG B 56 -6.99 15.37 25.17
C ARG B 56 -6.81 16.06 23.83
N ILE B 71 -12.66 9.82 21.61
CA ILE B 71 -13.55 8.97 20.84
C ILE B 71 -12.77 7.95 20.04
N PHE B 72 -13.35 7.51 18.92
CA PHE B 72 -12.57 6.84 17.90
C PHE B 72 -11.36 7.68 17.53
N GLU B 73 -11.52 9.00 17.56
CA GLU B 73 -10.56 9.95 17.01
C GLU B 73 -10.00 10.77 18.16
N THR B 74 -8.89 11.45 17.90
CA THR B 74 -8.31 12.43 18.79
C THR B 74 -7.56 13.40 17.91
N LYS B 75 -7.64 14.68 18.24
CA LYS B 75 -6.96 15.72 17.50
C LYS B 75 -6.10 16.56 18.42
N PHE B 76 -4.80 16.60 18.18
CA PHE B 76 -3.97 17.38 19.07
C PHE B 76 -2.88 18.02 18.24
N GLN B 77 -2.36 19.13 18.73
CA GLN B 77 -1.33 19.88 18.04
C GLN B 77 -0.05 19.95 18.86
N VAL B 78 1.07 19.70 18.21
CA VAL B 78 2.39 19.90 18.80
C VAL B 78 3.16 20.85 17.89
N ASP B 79 3.62 21.97 18.45
CA ASP B 79 4.42 22.96 17.73
C ASP B 79 3.82 23.31 16.38
N LYS B 80 2.55 23.72 16.41
CA LYS B 80 1.81 24.15 15.22
C LYS B 80 1.67 23.04 14.18
N VAL B 81 1.80 21.78 14.58
CA VAL B 81 1.63 20.65 13.68
C VAL B 81 0.50 19.81 14.23
N ASN B 82 -0.56 19.67 13.46
CA ASN B 82 -1.74 18.96 13.92
C ASN B 82 -1.66 17.48 13.59
N PHE B 83 -2.20 16.66 14.49
CA PHE B 83 -2.30 15.23 14.30
C PHE B 83 -3.72 14.84 14.63
N HIS B 84 -4.17 13.76 14.02
CA HIS B 84 -5.48 13.18 14.32
C HIS B 84 -5.23 11.68 14.35
N MET B 85 -5.24 11.16 15.57
CA MET B 85 -4.97 9.78 15.96
C MET B 85 -6.23 9.00 16.23
N PHE B 86 -6.35 7.81 15.64
CA PHE B 86 -7.54 7.01 15.80
C PHE B 86 -7.23 5.60 16.22
N ASP B 87 -8.02 5.12 17.17
CA ASP B 87 -7.98 3.75 17.65
C ASP B 87 -9.34 3.19 17.26
N VAL B 88 -9.38 2.02 16.64
CA VAL B 88 -10.67 1.52 16.24
C VAL B 88 -11.22 0.71 17.40
N GLY B 89 -12.45 1.01 17.80
CA GLY B 89 -13.03 0.37 18.96
C GLY B 89 -14.16 -0.63 18.82
N GLY B 90 -15.16 -0.28 18.01
CA GLY B 90 -16.24 -1.20 17.72
C GLY B 90 -16.03 -2.19 16.60
N GLN B 91 -14.95 -2.96 16.64
CA GLN B 91 -14.88 -4.06 15.70
C GLN B 91 -14.83 -5.39 16.43
N ARG B 92 -14.77 -6.45 15.63
CA ARG B 92 -14.52 -7.77 16.14
C ARG B 92 -13.04 -7.92 16.46
N ASP B 93 -12.56 -9.15 16.52
CA ASP B 93 -11.16 -9.34 16.86
C ASP B 93 -10.35 -9.75 15.64
N GLU B 94 -11.00 -10.10 14.54
CA GLU B 94 -10.24 -10.41 13.34
C GLU B 94 -9.89 -9.11 12.64
N ARG B 95 -8.79 -8.51 13.08
CA ARG B 95 -8.27 -7.30 12.46
C ARG B 95 -7.45 -7.54 11.21
N ARG B 96 -7.59 -8.69 10.56
CA ARG B 96 -6.75 -8.90 9.38
C ARG B 96 -7.25 -8.10 8.19
N LYS B 97 -8.48 -7.58 8.22
CA LYS B 97 -8.84 -6.83 7.03
C LYS B 97 -9.09 -5.35 7.25
N TRP B 98 -9.60 -4.90 8.40
CA TRP B 98 -9.71 -3.45 8.37
C TRP B 98 -8.37 -2.81 8.60
N ILE B 99 -7.35 -3.59 8.88
CA ILE B 99 -6.05 -3.00 9.15
C ILE B 99 -5.50 -2.37 7.90
N GLN B 100 -5.82 -2.94 6.74
CA GLN B 100 -5.34 -2.41 5.49
C GLN B 100 -5.95 -1.05 5.19
N CYS B 101 -6.84 -0.56 6.03
CA CYS B 101 -7.33 0.80 5.91
C CYS B 101 -6.33 1.82 6.44
N PHE B 102 -5.18 1.37 6.93
CA PHE B 102 -4.19 2.24 7.55
C PHE B 102 -2.83 1.98 6.95
N ASN B 103 -2.79 1.68 5.67
CA ASN B 103 -1.51 1.46 5.01
C ASN B 103 -0.74 2.74 4.74
N ASP B 104 -1.37 3.91 4.83
CA ASP B 104 -0.70 5.17 4.54
C ASP B 104 -0.53 6.05 5.76
N VAL B 105 -0.81 5.53 6.95
CA VAL B 105 -0.68 6.32 8.15
C VAL B 105 0.79 6.62 8.40
N THR B 106 1.04 7.71 9.11
CA THR B 106 2.41 8.12 9.38
C THR B 106 3.09 7.13 10.30
N ALA B 107 2.39 6.66 11.32
CA ALA B 107 2.96 5.72 12.27
C ALA B 107 1.83 5.02 12.99
N ILE B 108 2.14 3.84 13.51
CA ILE B 108 1.24 3.05 14.34
C ILE B 108 1.78 3.17 15.74
N ILE B 109 0.91 3.53 16.69
CA ILE B 109 1.28 3.59 18.08
C ILE B 109 0.80 2.33 18.77
N PHE B 110 1.73 1.41 19.01
CA PHE B 110 1.43 0.14 19.64
C PHE B 110 1.59 0.23 21.15
N VAL B 111 0.52 0.00 21.89
CA VAL B 111 0.56 0.10 23.34
C VAL B 111 0.56 -1.31 23.90
N VAL B 112 1.43 -1.58 24.86
CA VAL B 112 1.56 -2.91 25.41
C VAL B 112 1.61 -2.79 26.92
N ASP B 113 1.13 -3.80 27.62
CA ASP B 113 1.19 -3.85 29.08
C ASP B 113 2.40 -4.69 29.47
N SER B 114 3.44 -4.05 29.99
CA SER B 114 4.60 -4.78 30.46
C SER B 114 4.33 -5.55 31.74
N SER B 115 3.23 -5.29 32.42
CA SER B 115 2.91 -5.93 33.68
C SER B 115 2.02 -7.15 33.53
N ASP B 116 1.71 -7.58 32.32
CA ASP B 116 0.85 -8.74 32.12
C ASP B 116 1.72 -9.82 31.48
N TYR B 117 2.44 -10.56 32.33
CA TYR B 117 3.54 -11.38 31.86
C TYR B 117 3.13 -12.51 30.94
N ASN B 118 1.85 -12.87 30.91
CA ASN B 118 1.45 -14.00 30.08
C ASN B 118 0.63 -13.62 28.87
N ARG B 119 -0.10 -12.51 28.92
CA ARG B 119 -0.69 -11.99 27.71
C ARG B 119 0.32 -11.18 26.92
N LEU B 120 1.58 -11.19 27.34
CA LEU B 120 2.65 -10.47 26.66
C LEU B 120 3.05 -11.18 25.38
N GLN B 121 2.97 -12.50 25.35
CA GLN B 121 3.23 -13.23 24.11
C GLN B 121 2.19 -12.88 23.07
N GLU B 122 0.95 -12.63 23.49
CA GLU B 122 -0.05 -12.23 22.51
C GLU B 122 0.37 -10.90 21.90
N ALA B 123 0.89 -9.99 22.71
CA ALA B 123 1.35 -8.71 22.20
C ALA B 123 2.55 -8.88 21.27
N LEU B 124 3.47 -9.78 21.60
CA LEU B 124 4.61 -10.01 20.72
C LEU B 124 4.16 -10.57 19.38
N ASN B 125 3.24 -11.51 19.39
CA ASN B 125 2.74 -12.08 18.14
C ASN B 125 1.97 -11.05 17.35
N LEU B 126 1.17 -10.22 18.00
CA LEU B 126 0.47 -9.18 17.24
C LEU B 126 1.45 -8.18 16.65
N PHE B 127 2.50 -7.84 17.38
CA PHE B 127 3.47 -6.92 16.83
C PHE B 127 4.18 -7.55 15.65
N LYS B 128 4.42 -8.86 15.72
CA LYS B 128 5.09 -9.55 14.63
C LYS B 128 4.21 -9.63 13.41
N SER B 129 2.92 -9.86 13.60
CA SER B 129 2.00 -9.94 12.49
C SER B 129 1.79 -8.57 11.86
N ILE B 130 1.87 -7.51 12.65
CA ILE B 130 1.74 -6.16 12.11
C ILE B 130 3.00 -5.77 11.37
N TRP B 131 4.14 -6.08 11.96
CA TRP B 131 5.41 -5.67 11.39
C TRP B 131 5.70 -6.37 10.07
N ASN B 132 5.26 -7.61 9.89
CA ASN B 132 5.51 -8.29 8.63
C ASN B 132 4.33 -8.28 7.68
N ASN B 133 3.35 -7.41 7.90
CA ASN B 133 2.19 -7.41 7.01
C ASN B 133 2.59 -6.90 5.64
N ARG B 134 2.05 -7.49 4.58
CA ARG B 134 2.48 -7.00 3.28
C ARG B 134 2.06 -5.55 3.06
N TRP B 135 0.98 -5.08 3.70
CA TRP B 135 0.51 -3.73 3.42
C TRP B 135 0.92 -2.74 4.47
N LEU B 136 1.66 -3.17 5.47
CA LEU B 136 2.11 -2.24 6.49
C LEU B 136 3.60 -2.42 6.57
N ARG B 137 4.17 -2.78 5.42
CA ARG B 137 5.57 -3.11 5.30
C ARG B 137 6.43 -1.89 5.54
N THR B 138 5.87 -0.71 5.29
CA THR B 138 6.56 0.56 5.41
C THR B 138 6.04 1.44 6.53
N ILE B 139 5.17 0.92 7.38
CA ILE B 139 4.60 1.70 8.48
C ILE B 139 5.50 1.46 9.68
N SER B 140 6.16 2.50 10.15
CA SER B 140 6.96 2.40 11.36
C SER B 140 6.07 2.42 12.58
N VAL B 141 6.52 1.75 13.64
CA VAL B 141 5.73 1.59 14.85
C VAL B 141 6.43 2.26 16.02
N ILE B 142 5.66 2.98 16.82
CA ILE B 142 6.13 3.56 18.07
C ILE B 142 5.67 2.67 19.21
N LEU B 143 6.61 2.07 19.91
CA LEU B 143 6.27 1.07 20.92
C LEU B 143 6.17 1.74 22.27
N PHE B 144 5.01 1.68 22.90
CA PHE B 144 4.83 2.18 24.26
C PHE B 144 4.82 0.96 25.17
N LEU B 145 5.85 0.81 26.00
CA LEU B 145 5.85 -0.27 26.97
C LEU B 145 5.18 0.26 28.22
N ASN B 146 3.86 0.18 28.27
CA ASN B 146 3.13 0.92 29.28
C ASN B 146 3.14 0.20 30.63
N LYS B 147 2.69 0.90 31.66
CA LYS B 147 2.51 0.32 33.00
C LYS B 147 3.82 -0.20 33.55
N GLN B 148 4.86 0.63 33.44
CA GLN B 148 6.17 0.27 33.96
C GLN B 148 6.20 0.27 35.49
N ASP B 149 5.39 1.13 36.12
CA ASP B 149 5.34 1.17 37.58
C ASP B 149 4.79 -0.13 38.17
N LEU B 150 3.74 -0.68 37.55
CA LEU B 150 3.25 -1.97 38.03
C LEU B 150 4.31 -3.04 37.78
N LEU B 151 5.02 -2.96 36.68
CA LEU B 151 6.08 -3.92 36.42
C LEU B 151 7.14 -3.86 37.51
N ALA B 152 7.53 -2.65 37.90
CA ALA B 152 8.48 -2.57 39.01
C ALA B 152 7.89 -3.15 40.28
N GLU B 153 6.58 -2.98 40.46
CA GLU B 153 5.92 -3.54 41.64
C GLU B 153 6.05 -5.06 41.64
N LYS B 154 5.77 -5.68 40.50
CA LYS B 154 5.80 -7.13 40.38
C LYS B 154 7.23 -7.65 40.51
N VAL B 155 8.20 -6.92 39.94
CA VAL B 155 9.58 -7.40 40.00
C VAL B 155 10.09 -7.34 41.43
N LEU B 156 9.82 -6.25 42.15
CA LEU B 156 10.31 -6.19 43.53
C LEU B 156 9.58 -7.18 44.42
N ALA B 157 8.32 -7.50 44.11
CA ALA B 157 7.62 -8.49 44.93
C ALA B 157 8.22 -9.87 44.74
N GLY B 158 8.59 -10.23 43.52
CA GLY B 158 9.23 -11.52 43.29
C GLY B 158 8.30 -12.70 43.45
N LYS B 159 7.00 -12.51 43.22
CA LYS B 159 6.03 -13.59 43.29
C LYS B 159 5.75 -14.23 41.93
N SER B 160 5.65 -13.43 40.87
CA SER B 160 5.52 -13.94 39.51
C SER B 160 6.76 -13.53 38.73
N LYS B 161 7.65 -14.49 38.49
CA LYS B 161 8.93 -14.22 37.85
C LYS B 161 8.88 -14.46 36.34
N ILE B 162 9.62 -13.63 35.62
CA ILE B 162 9.60 -13.64 34.15
C ILE B 162 10.11 -14.95 33.59
N GLU B 163 11.02 -15.61 34.30
CA GLU B 163 11.64 -16.83 33.80
C GLU B 163 10.64 -17.96 33.61
N ASP B 164 9.55 -17.94 34.36
CA ASP B 164 8.55 -19.00 34.20
C ASP B 164 7.82 -18.87 32.88
N TYR B 165 7.74 -17.66 32.33
CA TYR B 165 7.06 -17.43 31.07
C TYR B 165 8.03 -17.25 29.91
N PHE B 166 9.19 -16.62 30.15
CA PHE B 166 10.23 -16.44 29.14
C PHE B 166 11.55 -16.99 29.68
N PRO B 167 11.84 -18.27 29.47
CA PRO B 167 13.08 -18.83 30.02
C PRO B 167 14.35 -18.16 29.52
N GLU B 168 14.31 -17.46 28.39
CA GLU B 168 15.49 -16.72 27.94
C GLU B 168 15.93 -15.73 29.01
N PHE B 169 14.99 -15.24 29.81
CA PHE B 169 15.32 -14.23 30.79
C PHE B 169 16.32 -14.74 31.80
N ALA B 170 16.44 -16.06 31.96
CA ALA B 170 17.38 -16.54 32.96
C ALA B 170 18.81 -16.23 32.53
N ARG B 171 19.11 -16.38 31.24
CA ARG B 171 20.47 -16.10 30.78
C ARG B 171 20.65 -14.68 30.25
N TYR B 172 19.67 -13.81 30.38
CA TYR B 172 19.77 -12.47 29.83
C TYR B 172 20.58 -11.52 30.69
N THR B 173 21.42 -10.73 30.03
CA THR B 173 22.29 -9.73 30.65
C THR B 173 21.82 -8.34 30.26
N THR B 174 21.71 -7.46 31.24
CA THR B 174 21.33 -6.08 30.97
C THR B 174 22.27 -5.43 29.96
N PRO B 175 21.75 -4.79 28.90
CA PRO B 175 22.63 -4.21 27.89
C PRO B 175 23.53 -3.14 28.47
N GLU B 176 24.71 -3.00 27.88
CA GLU B 176 25.67 -1.96 28.25
C GLU B 176 25.28 -0.56 27.82
N ASP B 177 24.22 -0.39 27.01
CA ASP B 177 23.79 0.93 26.61
C ASP B 177 22.61 1.42 27.44
N ALA B 178 22.24 0.66 28.46
CA ALA B 178 21.06 0.95 29.26
C ALA B 178 21.24 2.20 30.10
N THR B 179 20.16 2.97 30.22
CA THR B 179 20.13 4.21 30.99
C THR B 179 19.01 4.07 32.03
N PRO B 180 19.31 3.46 33.17
CA PRO B 180 18.30 3.34 34.23
C PRO B 180 18.04 4.65 34.95
N GLU B 181 16.81 4.80 35.43
CA GLU B 181 16.45 6.00 36.16
C GLU B 181 17.04 5.94 37.56
N PRO B 182 17.18 7.11 38.21
CA PRO B 182 17.77 7.16 39.56
C PRO B 182 17.03 6.29 40.57
N GLY B 183 17.77 5.38 41.20
CA GLY B 183 17.21 4.48 42.19
C GLY B 183 16.62 3.20 41.66
N GLU B 184 16.57 3.03 40.34
CA GLU B 184 15.95 1.83 39.77
C GLU B 184 16.72 0.57 40.13
N ASP B 185 15.99 -0.43 40.60
CA ASP B 185 16.60 -1.71 40.96
C ASP B 185 17.11 -2.38 39.69
N PRO B 186 18.34 -2.90 39.70
CA PRO B 186 18.83 -3.61 38.50
C PRO B 186 17.93 -4.72 38.01
N ARG B 187 17.14 -5.31 38.90
CA ARG B 187 16.16 -6.29 38.46
C ARG B 187 15.09 -5.64 37.60
N VAL B 188 14.65 -4.44 37.96
CA VAL B 188 13.65 -3.78 37.14
C VAL B 188 14.26 -3.36 35.82
N THR B 189 15.50 -2.91 35.84
CA THR B 189 16.16 -2.52 34.60
C THR B 189 16.26 -3.70 33.68
N ARG B 190 16.61 -4.87 34.22
CA ARG B 190 16.76 -6.04 33.38
C ARG B 190 15.40 -6.48 32.87
N ALA B 191 14.35 -6.28 33.66
CA ALA B 191 13.05 -6.74 33.21
C ALA B 191 12.54 -5.87 32.07
N LYS B 192 12.61 -4.55 32.23
CA LYS B 192 12.05 -3.70 31.19
C LYS B 192 12.93 -3.66 29.96
N TYR B 193 14.22 -3.88 30.11
CA TYR B 193 15.02 -3.94 28.91
C TYR B 193 14.91 -5.28 28.25
N PHE B 194 14.52 -6.31 28.99
CA PHE B 194 14.24 -7.58 28.36
C PHE B 194 12.98 -7.52 27.52
N ILE B 195 11.92 -6.93 28.06
CA ILE B 195 10.73 -6.77 27.21
C ILE B 195 11.05 -5.89 26.01
N ARG B 196 11.89 -4.86 26.21
CA ARG B 196 12.28 -3.99 25.12
C ARG B 196 12.98 -4.79 24.03
N ASP B 197 13.90 -5.66 24.42
CA ASP B 197 14.63 -6.35 23.39
C ASP B 197 13.81 -7.48 22.81
N GLU B 198 12.78 -7.93 23.52
CA GLU B 198 11.93 -8.95 22.92
C GLU B 198 11.17 -8.37 21.75
N PHE B 199 10.81 -7.09 21.82
CA PHE B 199 10.18 -6.50 20.63
C PHE B 199 11.18 -6.02 19.59
N LEU B 200 12.35 -5.55 20.01
CA LEU B 200 13.34 -5.12 19.04
C LEU B 200 13.94 -6.28 18.26
N ARG B 201 14.03 -7.46 18.88
CA ARG B 201 14.50 -8.66 18.20
C ARG B 201 13.59 -9.05 17.04
N ILE B 202 12.32 -8.64 17.09
CA ILE B 202 11.42 -8.87 15.97
C ILE B 202 11.56 -7.75 14.96
N SER B 203 11.66 -6.51 15.42
CA SER B 203 11.66 -5.40 14.48
C SER B 203 12.93 -5.36 13.63
N THR B 204 14.06 -5.76 14.20
CA THR B 204 15.32 -5.75 13.44
C THR B 204 15.53 -7.03 12.66
N ALA B 205 14.67 -8.03 12.84
CA ALA B 205 14.82 -9.30 12.14
C ALA B 205 14.44 -9.21 10.67
N SER B 206 13.62 -8.25 10.27
CA SER B 206 13.28 -8.23 8.85
C SER B 206 12.98 -6.85 8.29
N GLY B 207 13.34 -5.78 8.99
CA GLY B 207 13.11 -4.46 8.44
C GLY B 207 14.27 -4.07 7.55
N ASP B 208 14.03 -4.07 6.25
CA ASP B 208 15.04 -3.63 5.29
C ASP B 208 15.15 -2.13 5.21
N GLY B 209 15.18 -1.46 6.35
CA GLY B 209 15.38 -0.04 6.44
C GLY B 209 14.21 0.80 5.99
N ARG B 210 13.12 0.18 5.52
CA ARG B 210 11.98 0.98 5.12
C ARG B 210 11.25 1.53 6.35
N HIS B 211 11.34 0.84 7.47
CA HIS B 211 10.70 1.31 8.67
C HIS B 211 11.36 0.72 9.90
N TYR B 212 11.08 1.37 11.03
CA TYR B 212 11.72 1.10 12.30
C TYR B 212 10.69 1.07 13.42
N CYS B 213 11.14 0.63 14.57
CA CYS B 213 10.37 0.56 15.80
C CYS B 213 11.07 1.40 16.84
N TYR B 214 10.31 2.25 17.54
CA TYR B 214 10.89 3.17 18.49
C TYR B 214 10.33 2.90 19.88
N PRO B 215 11.06 2.18 20.72
CA PRO B 215 10.54 1.83 22.04
C PRO B 215 10.58 2.99 22.99
N HIS B 216 9.63 3.01 23.92
CA HIS B 216 9.61 4.06 24.93
C HIS B 216 9.02 3.47 26.19
N PHE B 217 9.61 3.80 27.34
CA PHE B 217 9.08 3.38 28.63
C PHE B 217 8.13 4.44 29.17
N THR B 218 6.88 4.06 29.39
CA THR B 218 5.85 5.02 29.75
C THR B 218 5.11 4.51 30.98
N CYS B 219 4.54 5.43 31.75
CA CYS B 219 3.61 5.09 32.80
C CYS B 219 2.33 5.90 32.61
N ALA B 220 1.29 5.50 33.34
CA ALA B 220 -0.04 6.04 33.05
C ALA B 220 -0.14 7.53 33.40
N VAL B 221 0.75 8.04 34.23
CA VAL B 221 0.70 9.43 34.68
C VAL B 221 1.58 10.34 33.83
N ASP B 222 2.38 9.78 32.92
CA ASP B 222 3.28 10.58 32.11
C ASP B 222 2.49 11.53 31.22
N THR B 223 2.90 12.79 31.19
CA THR B 223 2.20 13.81 30.45
C THR B 223 2.81 14.12 29.10
N GLU B 224 4.10 13.85 28.91
CA GLU B 224 4.78 14.19 27.68
C GLU B 224 4.56 13.19 26.56
N ASN B 225 3.61 12.29 26.71
CA ASN B 225 3.49 11.31 25.64
C ASN B 225 2.93 11.88 24.39
N ALA B 226 2.86 13.20 24.23
CA ALA B 226 2.58 13.78 22.93
C ALA B 226 3.86 14.26 22.27
N ARG B 227 4.74 14.88 23.05
CA ARG B 227 6.04 15.29 22.54
C ARG B 227 6.83 14.09 22.04
N ARG B 228 6.60 12.91 22.61
CA ARG B 228 7.31 11.74 22.13
C ARG B 228 6.78 11.30 20.77
N ILE B 229 5.46 11.29 20.59
CA ILE B 229 4.92 10.95 19.29
C ILE B 229 5.32 12.00 18.27
N PHE B 230 5.42 13.26 18.68
CA PHE B 230 5.90 14.28 17.77
C PHE B 230 7.34 14.02 17.36
N ASN B 231 8.23 13.85 18.34
CA ASN B 231 9.62 13.58 18.04
C ASN B 231 9.74 12.41 17.08
N ASP B 232 9.00 11.35 17.33
CA ASP B 232 9.24 10.16 16.53
C ASP B 232 8.55 10.21 15.18
N CYS B 233 7.42 10.92 15.04
CA CYS B 233 6.91 11.16 13.70
C CYS B 233 7.92 11.97 12.90
N ARG B 234 8.57 12.95 13.53
CA ARG B 234 9.59 13.71 12.84
C ARG B 234 10.75 12.82 12.43
N ASP B 235 11.17 11.92 13.31
CA ASP B 235 12.25 11.00 12.96
C ASP B 235 11.84 10.09 11.81
N ILE B 236 10.57 9.67 11.78
CA ILE B 236 10.13 8.81 10.70
C ILE B 236 10.18 9.56 9.39
N ILE B 237 9.78 10.83 9.39
CA ILE B 237 9.84 11.58 8.14
C ILE B 237 11.29 11.82 7.72
N GLN B 238 12.16 12.15 8.67
CA GLN B 238 13.57 12.30 8.35
C GLN B 238 14.11 11.05 7.68
N ARG B 239 13.85 9.90 8.27
CA ARG B 239 14.43 8.68 7.71
C ARG B 239 13.79 8.32 6.38
N MET B 240 12.53 8.67 6.18
CA MET B 240 11.96 8.46 4.85
C MET B 240 12.65 9.33 3.83
N HIS B 241 12.93 10.58 4.18
CA HIS B 241 13.58 11.47 3.21
C HIS B 241 15.02 11.05 2.98
N LEU B 242 15.69 10.54 4.01
CA LEU B 242 17.04 10.03 3.81
C LEU B 242 17.02 8.83 2.88
N ARG B 243 16.32 7.77 3.27
CA ARG B 243 16.26 6.58 2.45
C ARG B 243 15.70 6.87 1.06
N GLN B 244 15.06 8.02 0.88
CA GLN B 244 14.62 8.39 -0.46
C GLN B 244 15.78 8.84 -1.33
N TYR B 245 16.69 9.63 -0.77
CA TYR B 245 17.87 10.10 -1.49
C TYR B 245 19.04 9.14 -1.37
N GLU B 246 18.77 7.90 -1.01
CA GLU B 246 19.76 6.82 -0.95
C GLU B 246 20.88 7.11 0.03
N LEU B 247 20.80 8.18 0.81
CA LEU B 247 21.83 8.40 1.82
C LEU B 247 21.81 7.29 2.85
N LEU B 248 20.78 7.25 3.69
CA LEU B 248 20.69 6.23 4.72
C LEU B 248 20.33 4.90 4.08
N SER C 20 -23.19 -37.40 23.98
CA SER C 20 -23.26 -35.95 24.17
C SER C 20 -23.83 -35.28 22.93
N GLU C 21 -25.00 -34.65 23.09
CA GLU C 21 -25.79 -34.17 21.96
C GLU C 21 -25.00 -33.22 21.08
N LEU C 22 -23.95 -32.58 21.61
CA LEU C 22 -23.09 -31.77 20.76
C LEU C 22 -22.29 -32.65 19.83
N ASP C 23 -21.80 -33.78 20.32
CA ASP C 23 -21.05 -34.67 19.46
C ASP C 23 -21.99 -35.37 18.48
N GLN C 24 -23.27 -35.51 18.84
CA GLN C 24 -24.22 -36.13 17.92
C GLN C 24 -24.62 -35.15 16.83
N LEU C 25 -24.59 -33.86 17.13
CA LEU C 25 -24.86 -32.87 16.09
C LEU C 25 -23.65 -32.72 15.19
N ARG C 26 -22.45 -32.85 15.75
CA ARG C 26 -21.25 -32.84 14.91
C ARG C 26 -21.23 -34.03 13.96
N GLN C 27 -21.65 -35.21 14.43
CA GLN C 27 -21.73 -36.36 13.52
C GLN C 27 -22.80 -36.15 12.45
N GLU C 28 -24.02 -35.74 12.81
CA GLU C 28 -25.01 -35.56 11.74
C GLU C 28 -24.58 -34.43 10.80
N ALA C 29 -23.80 -33.48 11.30
CA ALA C 29 -23.24 -32.43 10.46
C ALA C 29 -22.33 -33.04 9.41
N GLU C 30 -21.40 -33.90 9.82
CA GLU C 30 -20.50 -34.52 8.85
C GLU C 30 -21.27 -35.42 7.89
N GLN C 31 -22.29 -36.12 8.39
CA GLN C 31 -23.12 -36.93 7.51
C GLN C 31 -23.74 -36.07 6.41
N LEU C 32 -24.21 -34.88 6.79
CA LEU C 32 -24.76 -33.97 5.80
C LEU C 32 -23.67 -33.47 4.86
N LYS C 33 -22.46 -33.24 5.38
CA LYS C 33 -21.41 -32.73 4.49
C LYS C 33 -21.02 -33.78 3.46
N ASN C 34 -21.15 -35.06 3.80
CA ASN C 34 -20.80 -36.08 2.81
C ASN C 34 -21.96 -36.37 1.87
N GLN C 35 -23.20 -36.23 2.34
CA GLN C 35 -24.32 -36.29 1.41
C GLN C 35 -24.25 -35.13 0.41
N ILE C 36 -23.78 -33.96 0.86
CA ILE C 36 -23.63 -32.83 -0.04
C ILE C 36 -22.49 -33.06 -1.02
N ARG C 37 -21.39 -33.64 -0.56
CA ARG C 37 -20.28 -33.89 -1.48
C ARG C 37 -20.67 -34.95 -2.50
N ASP C 38 -21.51 -35.91 -2.10
CA ASP C 38 -21.93 -36.92 -3.05
C ASP C 38 -22.93 -36.35 -4.04
N ALA C 39 -23.88 -35.54 -3.57
CA ALA C 39 -24.82 -34.93 -4.49
C ALA C 39 -24.13 -33.94 -5.41
N ARG C 40 -22.93 -33.48 -5.05
CA ARG C 40 -22.20 -32.57 -5.91
C ARG C 40 -21.40 -33.33 -6.95
N LYS C 41 -20.78 -34.45 -6.56
CA LYS C 41 -20.07 -35.24 -7.55
C LYS C 41 -21.03 -36.02 -8.44
N ALA C 42 -22.28 -36.19 -8.03
CA ALA C 42 -23.25 -36.90 -8.87
C ALA C 42 -23.57 -36.12 -10.14
N CYS C 43 -23.71 -34.80 -10.02
CA CYS C 43 -24.00 -33.95 -11.18
C CYS C 43 -22.76 -33.44 -11.89
N ALA C 44 -21.56 -33.84 -11.46
CA ALA C 44 -20.33 -33.41 -12.14
C ALA C 44 -19.96 -34.41 -13.23
N ASP C 45 -20.87 -34.52 -14.21
CA ASP C 45 -20.62 -35.44 -15.32
C ASP C 45 -19.52 -34.96 -16.26
N ALA C 46 -19.28 -33.65 -16.32
CA ALA C 46 -18.25 -33.10 -17.19
C ALA C 46 -17.62 -31.90 -16.51
N THR C 47 -16.65 -31.30 -17.19
CA THR C 47 -15.99 -30.10 -16.72
C THR C 47 -16.23 -29.01 -17.76
N LEU C 48 -16.15 -27.76 -17.31
CA LEU C 48 -16.34 -26.65 -18.23
C LEU C 48 -15.28 -26.63 -19.32
N SER C 49 -14.05 -27.04 -19.01
CA SER C 49 -12.98 -27.02 -20.01
C SER C 49 -13.23 -28.02 -21.13
N GLN C 50 -13.71 -29.22 -20.81
CA GLN C 50 -14.02 -30.17 -21.88
C GLN C 50 -15.13 -29.64 -22.77
N ILE C 51 -16.10 -28.95 -22.18
CA ILE C 51 -17.21 -28.42 -22.96
C ILE C 51 -16.71 -27.31 -23.89
N THR C 52 -15.84 -26.44 -23.37
CA THR C 52 -15.39 -25.26 -24.10
C THR C 52 -14.05 -25.46 -24.79
N ASN C 53 -13.62 -26.71 -24.99
CA ASN C 53 -12.34 -26.90 -25.65
C ASN C 53 -12.40 -26.62 -27.16
N ASN C 54 -13.56 -26.73 -27.79
CA ASN C 54 -13.63 -26.45 -29.21
C ASN C 54 -13.93 -25.00 -29.58
N ILE C 55 -14.12 -24.09 -28.62
CA ILE C 55 -14.38 -22.71 -28.99
C ILE C 55 -13.07 -22.02 -29.37
N ASP C 56 -13.20 -20.93 -30.12
CA ASP C 56 -11.97 -20.21 -30.42
C ASP C 56 -11.66 -19.21 -29.30
N PRO C 57 -10.39 -19.05 -28.97
CA PRO C 57 -10.01 -18.08 -27.93
C PRO C 57 -10.33 -16.66 -28.35
N VAL C 58 -10.60 -15.81 -27.35
CA VAL C 58 -10.96 -14.44 -27.63
C VAL C 58 -9.82 -13.66 -28.27
N GLY C 59 -8.60 -14.17 -28.22
CA GLY C 59 -7.47 -13.44 -28.74
C GLY C 59 -6.94 -12.46 -27.70
N ARG C 60 -5.83 -11.82 -28.05
CA ARG C 60 -5.26 -10.82 -27.17
C ARG C 60 -6.17 -9.60 -27.10
N ILE C 61 -6.52 -9.20 -25.89
CA ILE C 61 -7.36 -8.03 -25.65
C ILE C 61 -6.49 -7.00 -24.98
N GLN C 62 -6.16 -5.94 -25.71
CA GLN C 62 -5.30 -4.87 -25.21
C GLN C 62 -6.08 -3.56 -25.19
N MET C 63 -6.75 -3.30 -24.07
CA MET C 63 -7.37 -2.01 -23.88
C MET C 63 -6.33 -1.03 -23.37
N ARG C 64 -6.61 0.25 -23.61
CA ARG C 64 -5.68 1.32 -23.29
C ARG C 64 -6.41 2.40 -22.51
N THR C 65 -5.66 3.16 -21.73
CA THR C 65 -6.24 4.20 -20.91
C THR C 65 -6.78 5.31 -21.81
N ARG C 66 -8.08 5.51 -21.78
CA ARG C 66 -8.71 6.55 -22.59
C ARG C 66 -8.97 7.81 -21.79
N ARG C 67 -9.12 7.68 -20.49
CA ARG C 67 -9.34 8.81 -19.62
C ARG C 67 -8.54 8.58 -18.35
N THR C 68 -8.26 9.66 -17.65
CA THR C 68 -7.66 9.53 -16.33
C THR C 68 -8.32 10.58 -15.47
N LEU C 69 -8.87 10.13 -14.36
CA LEU C 69 -9.68 10.95 -13.48
C LEU C 69 -8.86 11.18 -12.22
N ARG C 70 -8.40 12.40 -12.03
CA ARG C 70 -7.48 12.71 -10.95
C ARG C 70 -8.21 13.62 -10.00
N GLY C 71 -7.71 13.68 -8.78
CA GLY C 71 -8.25 14.64 -7.85
C GLY C 71 -8.17 14.12 -6.44
N HIS C 72 -8.14 12.80 -6.28
CA HIS C 72 -8.26 12.24 -4.96
C HIS C 72 -6.92 12.40 -4.27
N LEU C 73 -6.96 12.71 -2.99
CA LEU C 73 -5.76 13.00 -2.24
C LEU C 73 -5.21 11.78 -1.52
N ALA C 74 -5.92 10.66 -1.60
CA ALA C 74 -5.52 9.46 -0.92
C ALA C 74 -5.96 8.28 -1.76
N LYS C 75 -5.83 7.09 -1.20
CA LYS C 75 -6.11 5.88 -1.95
C LYS C 75 -7.59 5.71 -2.19
N ILE C 76 -7.95 5.39 -3.41
CA ILE C 76 -9.35 5.22 -3.75
C ILE C 76 -9.69 3.83 -3.29
N TYR C 77 -10.90 3.62 -2.78
CA TYR C 77 -11.16 2.31 -2.25
C TYR C 77 -12.42 1.68 -2.82
N ALA C 78 -13.29 2.43 -3.46
CA ALA C 78 -14.52 1.88 -4.01
C ALA C 78 -14.99 2.80 -5.12
N MET C 79 -15.67 2.22 -6.10
CA MET C 79 -16.25 3.02 -7.17
C MET C 79 -17.46 2.29 -7.72
N HIS C 80 -18.35 3.02 -8.36
CA HIS C 80 -19.52 2.39 -8.95
C HIS C 80 -20.02 3.26 -10.10
N TRP C 81 -20.13 2.67 -11.28
CA TRP C 81 -20.69 3.40 -12.41
C TRP C 81 -22.16 3.68 -12.17
N GLY C 82 -22.66 4.69 -12.84
CA GLY C 82 -24.09 4.92 -12.81
C GLY C 82 -24.78 4.14 -13.89
N THR C 83 -26.11 4.18 -13.88
CA THR C 83 -26.87 3.46 -14.89
C THR C 83 -26.76 4.08 -16.27
N ASP C 84 -26.58 5.39 -16.34
CA ASP C 84 -26.45 6.02 -17.64
C ASP C 84 -25.14 5.69 -18.32
N SER C 85 -24.25 4.96 -17.65
CA SER C 85 -22.93 4.62 -18.15
C SER C 85 -22.07 5.84 -18.41
N ARG C 86 -22.43 6.98 -17.83
CA ARG C 86 -21.63 8.18 -18.00
C ARG C 86 -21.04 8.69 -16.69
N LEU C 87 -21.86 8.86 -15.65
CA LEU C 87 -21.34 9.31 -14.37
C LEU C 87 -20.90 8.14 -13.52
N LEU C 88 -19.99 8.43 -12.60
CA LEU C 88 -19.55 7.41 -11.67
C LEU C 88 -19.05 8.07 -10.40
N VAL C 89 -19.16 7.36 -9.28
CA VAL C 89 -18.74 7.87 -7.99
C VAL C 89 -17.53 7.12 -7.50
N SER C 90 -16.64 7.84 -6.85
CA SER C 90 -15.46 7.20 -6.30
C SER C 90 -15.31 7.71 -4.89
N ALA C 91 -14.93 6.82 -4.00
CA ALA C 91 -14.78 7.13 -2.59
C ALA C 91 -13.32 6.95 -2.27
N SER C 92 -12.70 7.99 -1.72
CA SER C 92 -11.33 7.84 -1.30
C SER C 92 -11.22 8.06 0.19
N GLN C 93 -10.14 7.56 0.77
CA GLN C 93 -9.98 7.63 2.21
C GLN C 93 -9.38 8.93 2.66
N ASP C 94 -9.44 9.96 1.84
CA ASP C 94 -9.16 11.32 2.29
C ASP C 94 -10.43 11.96 2.80
N GLY C 95 -11.51 11.19 2.94
CA GLY C 95 -12.77 11.72 3.38
C GLY C 95 -13.61 12.35 2.30
N LYS C 96 -13.44 11.94 1.05
CA LYS C 96 -14.17 12.55 -0.05
C LYS C 96 -14.89 11.50 -0.86
N LEU C 97 -15.92 11.96 -1.56
CA LEU C 97 -16.76 11.15 -2.44
C LEU C 97 -17.04 11.99 -3.68
N ILE C 98 -16.31 11.75 -4.74
CA ILE C 98 -16.33 12.61 -5.92
C ILE C 98 -17.19 11.95 -6.97
N ILE C 99 -18.03 12.73 -7.64
CA ILE C 99 -18.84 12.22 -8.75
C ILE C 99 -18.25 12.76 -10.04
N TRP C 100 -18.03 11.88 -11.00
CA TRP C 100 -17.34 12.20 -12.23
C TRP C 100 -18.31 12.08 -13.40
N ASP C 101 -18.12 12.95 -14.37
CA ASP C 101 -18.72 12.83 -15.70
C ASP C 101 -17.63 12.22 -16.57
N SER C 102 -17.67 10.90 -16.72
CA SER C 102 -16.55 10.18 -17.31
C SER C 102 -16.28 10.60 -18.75
N TYR C 103 -17.25 11.15 -19.46
CA TYR C 103 -17.00 11.57 -20.83
C TYR C 103 -16.07 12.76 -20.89
N THR C 104 -16.30 13.77 -20.06
CA THR C 104 -15.52 14.99 -20.10
C THR C 104 -14.55 15.11 -18.93
N THR C 105 -14.44 14.09 -18.10
CA THR C 105 -13.53 14.09 -16.95
C THR C 105 -13.84 15.22 -16.01
N ASN C 106 -15.02 15.83 -16.15
CA ASN C 106 -15.42 16.89 -15.25
C ASN C 106 -15.98 16.32 -13.96
N LYS C 107 -15.84 17.07 -12.88
CA LYS C 107 -16.40 16.67 -11.59
C LYS C 107 -17.75 17.33 -11.41
N VAL C 108 -18.76 16.54 -11.07
CA VAL C 108 -20.08 17.12 -10.88
C VAL C 108 -20.31 17.48 -9.42
N HIS C 109 -19.80 16.67 -8.49
CA HIS C 109 -19.97 16.95 -7.09
C HIS C 109 -18.74 16.48 -6.34
N ALA C 110 -18.50 17.06 -5.19
CA ALA C 110 -17.41 16.66 -4.30
C ALA C 110 -17.96 16.65 -2.89
N ILE C 111 -18.39 15.49 -2.42
CA ILE C 111 -19.11 15.37 -1.15
C ILE C 111 -18.09 15.07 -0.06
N PRO C 112 -17.91 15.95 0.91
CA PRO C 112 -17.07 15.60 2.07
C PRO C 112 -17.80 14.65 3.01
N LEU C 113 -17.04 13.73 3.60
CA LEU C 113 -17.59 12.70 4.47
C LEU C 113 -17.19 12.97 5.92
N ARG C 114 -18.15 12.74 6.83
CA ARG C 114 -17.89 12.95 8.24
C ARG C 114 -16.84 12.00 8.80
N SER C 115 -16.69 10.83 8.21
CA SER C 115 -15.64 9.89 8.56
C SER C 115 -14.80 9.63 7.32
N SER C 116 -13.49 9.76 7.45
CA SER C 116 -12.65 9.64 6.27
C SER C 116 -12.36 8.21 5.87
N TRP C 117 -12.70 7.22 6.70
CA TRP C 117 -12.36 5.83 6.40
C TRP C 117 -13.44 5.10 5.62
N VAL C 118 -13.83 5.70 4.49
CA VAL C 118 -14.86 5.09 3.67
C VAL C 118 -14.26 3.87 2.98
N MET C 119 -15.08 2.84 2.79
CA MET C 119 -14.66 1.59 2.21
C MET C 119 -15.53 1.15 1.06
N THR C 120 -16.72 1.72 0.91
CA THR C 120 -17.61 1.36 -0.18
C THR C 120 -18.41 2.59 -0.56
N CYS C 121 -18.98 2.55 -1.76
CA CYS C 121 -19.83 3.62 -2.23
C CYS C 121 -20.70 3.06 -3.33
N ALA C 122 -21.95 3.49 -3.37
CA ALA C 122 -22.88 3.02 -4.38
C ALA C 122 -23.56 4.19 -5.06
N TYR C 123 -24.18 3.91 -6.20
CA TYR C 123 -24.86 4.92 -6.97
C TYR C 123 -26.26 4.39 -7.26
N ALA C 124 -27.28 5.03 -6.72
CA ALA C 124 -28.62 4.52 -6.85
C ALA C 124 -29.01 4.42 -8.31
N PRO C 125 -29.77 3.40 -8.70
CA PRO C 125 -30.11 3.23 -10.12
C PRO C 125 -30.93 4.37 -10.69
N SER C 126 -31.58 5.16 -9.86
CA SER C 126 -32.29 6.32 -10.36
C SER C 126 -31.38 7.54 -10.51
N GLY C 127 -30.12 7.43 -10.09
CA GLY C 127 -29.21 8.54 -10.14
C GLY C 127 -29.52 9.67 -9.18
N ASN C 128 -30.49 9.49 -8.31
CA ASN C 128 -30.90 10.52 -7.37
C ASN C 128 -30.09 10.53 -6.09
N TYR C 129 -29.50 9.40 -5.69
CA TYR C 129 -28.85 9.31 -4.39
C TYR C 129 -27.53 8.59 -4.53
N VAL C 130 -26.60 8.94 -3.66
CA VAL C 130 -25.37 8.19 -3.49
C VAL C 130 -25.31 7.71 -2.05
N ALA C 131 -24.62 6.61 -1.82
CA ALA C 131 -24.45 6.07 -0.48
C ALA C 131 -22.99 5.75 -0.25
N CYS C 132 -22.62 5.64 1.02
CA CYS C 132 -21.24 5.27 1.32
C CYS C 132 -21.12 4.93 2.79
N GLY C 133 -20.12 4.15 3.13
CA GLY C 133 -19.90 3.80 4.52
C GLY C 133 -18.55 3.19 4.70
N GLY C 134 -18.20 2.95 5.96
CA GLY C 134 -16.88 2.43 6.25
C GLY C 134 -16.70 2.04 7.69
N LEU C 135 -15.57 2.42 8.28
CA LEU C 135 -15.30 2.00 9.65
C LEU C 135 -16.20 2.68 10.66
N ASP C 136 -17.00 3.66 10.27
CA ASP C 136 -17.95 4.22 11.22
C ASP C 136 -19.15 3.32 11.44
N ASN C 137 -19.24 2.21 10.72
CA ASN C 137 -20.35 1.26 10.82
C ASN C 137 -21.69 1.88 10.43
N ILE C 138 -21.68 2.88 9.55
CA ILE C 138 -22.86 3.65 9.22
C ILE C 138 -22.92 3.75 7.70
N CYS C 139 -24.10 3.56 7.13
CA CYS C 139 -24.33 3.83 5.71
C CYS C 139 -25.01 5.17 5.53
N SER C 140 -24.36 6.11 4.86
CA SER C 140 -24.84 7.47 4.73
C SER C 140 -25.40 7.65 3.33
N ILE C 141 -26.62 8.20 3.24
CA ILE C 141 -27.25 8.53 1.96
C ILE C 141 -27.21 10.03 1.73
N TYR C 142 -26.86 10.42 0.50
CA TYR C 142 -26.80 11.82 0.07
C TYR C 142 -27.69 12.04 -1.14
N ASN C 143 -28.52 13.08 -1.08
CA ASN C 143 -29.47 13.42 -2.13
C ASN C 143 -28.81 14.34 -3.15
N LEU C 144 -28.56 13.82 -4.35
CA LEU C 144 -27.97 14.63 -5.43
C LEU C 144 -28.95 15.61 -6.06
N LYS C 145 -30.25 15.30 -6.03
CA LYS C 145 -31.33 16.12 -6.57
C LYS C 145 -31.94 17.03 -5.52
N THR C 146 -31.13 17.45 -4.57
CA THR C 146 -31.60 18.40 -3.57
C THR C 146 -32.07 19.70 -4.21
N ARG C 147 -32.91 20.40 -3.46
CA ARG C 147 -33.67 21.56 -3.89
C ARG C 147 -33.11 22.88 -3.41
N GLU C 148 -32.19 22.88 -2.44
CA GLU C 148 -31.56 24.11 -2.01
C GLU C 148 -30.27 24.38 -2.76
N GLY C 149 -29.85 23.51 -3.66
CA GLY C 149 -28.52 23.66 -4.21
C GLY C 149 -27.55 22.51 -4.03
N ASN C 150 -27.18 22.17 -2.80
CA ASN C 150 -26.05 21.28 -2.59
C ASN C 150 -26.47 19.98 -1.95
N VAL C 151 -25.82 18.91 -2.42
CA VAL C 151 -25.93 17.58 -1.85
C VAL C 151 -25.47 17.55 -0.41
N ARG C 152 -26.30 16.95 0.46
CA ARG C 152 -25.99 16.87 1.87
C ARG C 152 -26.50 15.53 2.36
N VAL C 153 -26.38 15.28 3.65
CA VAL C 153 -26.79 14.00 4.19
C VAL C 153 -28.31 13.99 4.28
N SER C 154 -28.92 12.86 3.96
CA SER C 154 -30.37 12.73 4.10
C SER C 154 -30.74 11.72 5.17
N ARG C 155 -30.23 10.51 5.04
CA ARG C 155 -30.37 9.43 5.99
C ARG C 155 -28.99 8.90 6.36
N GLU C 156 -28.97 8.04 7.37
CA GLU C 156 -27.74 7.48 7.91
C GLU C 156 -28.18 6.26 8.69
N LEU C 157 -27.75 5.12 8.20
CA LEU C 157 -28.22 3.82 8.62
C LEU C 157 -27.26 3.23 9.64
N ALA C 158 -27.76 2.98 10.84
CA ALA C 158 -26.98 2.52 11.96
C ALA C 158 -27.51 1.15 12.34
N GLY C 159 -26.65 0.33 12.91
CA GLY C 159 -27.11 -0.94 13.44
C GLY C 159 -26.01 -1.97 13.43
N HIS C 160 -25.00 -1.78 12.59
CA HIS C 160 -23.97 -2.78 12.42
C HIS C 160 -22.98 -2.62 13.57
N THR C 161 -22.49 -3.73 14.09
CA THR C 161 -21.41 -3.67 15.06
C THR C 161 -20.06 -3.83 14.41
N GLY C 162 -20.01 -3.79 13.08
CA GLY C 162 -18.77 -3.94 12.35
C GLY C 162 -18.74 -2.97 11.19
N TYR C 163 -17.62 -2.98 10.49
CA TYR C 163 -17.36 -2.04 9.42
C TYR C 163 -18.08 -2.43 8.14
N LEU C 164 -18.62 -1.44 7.43
CA LEU C 164 -19.41 -1.70 6.22
C LEU C 164 -18.45 -1.88 5.06
N SER C 165 -18.55 -3.00 4.38
CA SER C 165 -17.62 -3.34 3.32
C SER C 165 -18.22 -3.15 1.94
N CYS C 166 -19.53 -3.25 1.79
CA CYS C 166 -20.14 -3.09 0.48
C CYS C 166 -21.60 -2.78 0.69
N CYS C 167 -22.19 -2.07 -0.27
CA CYS C 167 -23.59 -1.71 -0.19
C CYS C 167 -24.09 -1.37 -1.58
N ARG C 168 -25.33 -1.71 -1.86
CA ARG C 168 -25.87 -1.46 -3.17
C ARG C 168 -27.36 -1.16 -3.07
N PHE C 169 -27.83 -0.16 -3.80
CA PHE C 169 -29.24 0.16 -3.79
C PHE C 169 -30.02 -0.84 -4.61
N LEU C 170 -31.25 -1.09 -4.16
CA LEU C 170 -32.25 -1.74 -5.00
C LEU C 170 -33.10 -0.69 -5.71
N ASP C 171 -33.69 0.22 -4.96
CA ASP C 171 -34.37 1.39 -5.49
C ASP C 171 -34.07 2.54 -4.55
N ASP C 172 -34.83 3.62 -4.67
CA ASP C 172 -34.57 4.81 -3.87
C ASP C 172 -34.96 4.64 -2.42
N ASN C 173 -35.49 3.49 -2.02
CA ASN C 173 -35.87 3.27 -0.62
C ASN C 173 -35.34 1.98 -0.01
N GLN C 174 -34.79 1.07 -0.78
CA GLN C 174 -34.23 -0.16 -0.26
C GLN C 174 -32.75 -0.20 -0.55
N ILE C 175 -31.95 -0.57 0.44
CA ILE C 175 -30.51 -0.65 0.26
C ILE C 175 -29.97 -1.81 1.05
N VAL C 176 -29.05 -2.57 0.46
CA VAL C 176 -28.46 -3.70 1.13
C VAL C 176 -27.04 -3.38 1.53
N THR C 177 -26.65 -3.82 2.71
CA THR C 177 -25.33 -3.52 3.23
C THR C 177 -24.67 -4.82 3.62
N SER C 178 -23.35 -4.79 3.64
CA SER C 178 -22.51 -5.89 4.07
C SER C 178 -21.60 -5.37 5.17
N SER C 179 -21.38 -6.15 6.22
CA SER C 179 -20.64 -5.59 7.34
C SER C 179 -19.67 -6.61 7.90
N GLY C 180 -18.75 -6.11 8.71
CA GLY C 180 -17.77 -6.94 9.35
C GLY C 180 -18.25 -7.68 10.56
N ASP C 181 -19.50 -7.47 10.96
CA ASP C 181 -20.08 -8.27 12.01
C ASP C 181 -20.59 -9.58 11.47
N THR C 182 -20.12 -9.96 10.29
CA THR C 182 -20.44 -11.22 9.62
C THR C 182 -21.88 -11.31 9.16
N THR C 183 -22.55 -10.17 8.98
CA THR C 183 -23.94 -10.14 8.56
C THR C 183 -24.14 -9.16 7.42
N CYS C 184 -25.19 -9.42 6.64
CA CYS C 184 -25.68 -8.50 5.64
C CYS C 184 -27.07 -8.07 6.04
N ALA C 185 -27.52 -6.94 5.52
CA ALA C 185 -28.81 -6.44 5.97
C ALA C 185 -29.50 -5.69 4.85
N LEU C 186 -30.81 -5.87 4.73
CA LEU C 186 -31.61 -5.07 3.84
C LEU C 186 -32.32 -4.00 4.63
N TRP C 187 -32.19 -2.76 4.16
CA TRP C 187 -32.61 -1.55 4.85
C TRP C 187 -33.76 -0.90 4.09
N ASP C 188 -34.62 -0.25 4.84
CA ASP C 188 -35.62 0.68 4.35
C ASP C 188 -35.12 2.09 4.64
N ILE C 189 -34.62 2.77 3.61
CA ILE C 189 -33.87 4.01 3.76
C ILE C 189 -34.66 5.05 4.52
N GLU C 190 -35.98 5.12 4.29
CA GLU C 190 -36.78 6.15 4.95
C GLU C 190 -36.89 5.89 6.45
N THR C 191 -37.44 4.74 6.85
CA THR C 191 -37.57 4.48 8.27
C THR C 191 -36.23 4.28 8.96
N GLY C 192 -35.18 3.95 8.22
CA GLY C 192 -33.87 3.66 8.76
C GLY C 192 -33.75 2.36 9.52
N GLN C 193 -34.74 1.49 9.38
CA GLN C 193 -34.81 0.19 10.04
C GLN C 193 -34.27 -0.91 9.14
N GLN C 194 -33.60 -1.88 9.74
CA GLN C 194 -33.13 -3.04 8.99
C GLN C 194 -34.35 -3.90 8.76
N THR C 195 -34.94 -3.79 7.58
CA THR C 195 -36.14 -4.56 7.29
C THR C 195 -35.85 -6.05 7.20
N THR C 196 -34.61 -6.44 6.98
CA THR C 196 -34.31 -7.86 6.90
C THR C 196 -32.86 -8.07 7.28
N THR C 197 -32.56 -9.10 8.04
CA THR C 197 -31.19 -9.36 8.45
C THR C 197 -30.80 -10.72 7.90
N PHE C 198 -29.58 -10.83 7.41
CA PHE C 198 -29.03 -12.05 6.85
C PHE C 198 -27.82 -12.39 7.70
N THR C 199 -27.92 -13.46 8.46
CA THR C 199 -26.87 -13.98 9.32
C THR C 199 -26.56 -15.42 8.98
N GLY C 200 -25.33 -15.83 9.27
CA GLY C 200 -24.92 -17.19 8.99
C GLY C 200 -23.46 -17.28 8.60
N HIS C 201 -22.87 -16.17 8.18
CA HIS C 201 -21.46 -16.19 7.84
C HIS C 201 -20.65 -16.22 9.12
N THR C 202 -19.52 -16.93 9.08
CA THR C 202 -18.64 -17.03 10.25
C THR C 202 -17.62 -15.91 10.30
N GLY C 203 -17.06 -15.56 9.14
CA GLY C 203 -16.09 -14.48 9.04
C GLY C 203 -16.68 -13.21 8.47
N ASP C 204 -15.82 -12.20 8.34
CA ASP C 204 -16.25 -10.90 7.85
C ASP C 204 -16.73 -10.97 6.42
N VAL C 205 -17.94 -10.46 6.17
CA VAL C 205 -18.47 -10.37 4.82
C VAL C 205 -17.76 -9.21 4.12
N MET C 206 -17.13 -9.47 2.99
CA MET C 206 -16.34 -8.43 2.36
C MET C 206 -17.00 -7.81 1.15
N SER C 207 -17.82 -8.55 0.41
CA SER C 207 -18.39 -7.98 -0.79
C SER C 207 -19.73 -8.63 -1.08
N LEU C 208 -20.65 -7.87 -1.66
CA LEU C 208 -21.93 -8.44 -2.09
C LEU C 208 -22.26 -7.94 -3.48
N SER C 209 -23.06 -8.69 -4.22
CA SER C 209 -23.46 -8.30 -5.56
C SER C 209 -24.89 -8.73 -5.80
N LEU C 210 -25.76 -7.78 -6.14
CA LEU C 210 -27.15 -8.12 -6.39
C LEU C 210 -27.32 -8.62 -7.80
N ALA C 211 -28.16 -9.64 -7.94
CA ALA C 211 -28.52 -10.19 -9.22
C ALA C 211 -29.26 -9.15 -10.09
N PRO C 212 -29.21 -9.34 -11.41
CA PRO C 212 -29.85 -8.38 -12.31
C PRO C 212 -31.34 -8.23 -12.08
N ASP C 213 -31.98 -9.13 -11.34
CA ASP C 213 -33.41 -9.00 -11.14
C ASP C 213 -33.75 -8.64 -9.70
N THR C 214 -32.76 -8.24 -8.91
CA THR C 214 -32.95 -7.73 -7.56
C THR C 214 -33.44 -8.80 -6.59
N ARG C 215 -33.76 -9.98 -7.11
CA ARG C 215 -34.45 -10.99 -6.31
C ARG C 215 -33.53 -11.67 -5.32
N LEU C 216 -32.29 -11.89 -5.70
CA LEU C 216 -31.33 -12.56 -4.85
C LEU C 216 -30.04 -11.76 -4.86
N PHE C 217 -29.14 -12.13 -3.95
CA PHE C 217 -27.83 -11.49 -3.97
C PHE C 217 -26.84 -12.42 -3.29
N VAL C 218 -25.58 -12.33 -3.69
CA VAL C 218 -24.55 -13.16 -3.12
C VAL C 218 -23.58 -12.35 -2.28
N SER C 219 -22.86 -13.05 -1.44
CA SER C 219 -21.92 -12.41 -0.54
C SER C 219 -20.72 -13.33 -0.37
N GLY C 220 -19.54 -12.73 -0.36
CA GLY C 220 -18.29 -13.45 -0.16
C GLY C 220 -17.69 -13.05 1.17
N ALA C 221 -17.36 -14.03 2.00
CA ALA C 221 -16.89 -13.67 3.32
C ALA C 221 -15.48 -14.19 3.55
N CYS C 222 -14.91 -13.81 4.69
CA CYS C 222 -13.54 -14.19 5.01
C CYS C 222 -13.43 -15.62 5.50
N ASP C 223 -14.54 -16.35 5.60
CA ASP C 223 -14.51 -17.77 5.88
C ASP C 223 -14.39 -18.58 4.60
N ALA C 224 -13.87 -17.96 3.54
CA ALA C 224 -13.64 -18.63 2.26
C ALA C 224 -14.90 -19.20 1.64
N SER C 225 -16.06 -18.60 1.90
CA SER C 225 -17.31 -19.11 1.39
C SER C 225 -18.14 -17.99 0.78
N ALA C 226 -18.92 -18.34 -0.23
CA ALA C 226 -19.91 -17.43 -0.78
C ALA C 226 -21.29 -17.98 -0.52
N LYS C 227 -22.24 -17.09 -0.30
CA LYS C 227 -23.60 -17.48 0.02
C LYS C 227 -24.60 -16.71 -0.83
N LEU C 228 -25.59 -17.43 -1.33
CA LEU C 228 -26.72 -16.86 -2.05
C LEU C 228 -27.89 -16.60 -1.11
N TRP C 229 -28.40 -15.38 -1.10
CA TRP C 229 -29.44 -14.96 -0.19
C TRP C 229 -30.68 -14.58 -0.98
N ASP C 230 -31.83 -15.01 -0.49
CA ASP C 230 -33.13 -14.60 -0.98
C ASP C 230 -33.50 -13.28 -0.33
N VAL C 231 -33.59 -12.23 -1.15
CA VAL C 231 -33.74 -10.88 -0.61
C VAL C 231 -35.02 -10.77 0.20
N ARG C 232 -36.14 -11.21 -0.36
CA ARG C 232 -37.44 -10.98 0.28
C ARG C 232 -37.73 -11.91 1.46
N GLU C 233 -37.07 -13.07 1.54
CA GLU C 233 -37.38 -14.01 2.61
C GLU C 233 -36.32 -14.09 3.70
N GLY C 234 -35.11 -13.65 3.43
CA GLY C 234 -34.10 -13.52 4.47
C GLY C 234 -33.38 -14.79 4.82
N MET C 235 -33.44 -15.80 3.98
CA MET C 235 -32.80 -17.09 4.21
C MET C 235 -31.66 -17.28 3.22
N CYS C 236 -30.62 -18.00 3.66
CA CYS C 236 -29.50 -18.35 2.80
C CYS C 236 -29.86 -19.64 2.07
N ARG C 237 -29.88 -19.59 0.74
CA ARG C 237 -30.30 -20.77 -0.01
C ARG C 237 -29.15 -21.73 -0.27
N GLN C 238 -28.01 -21.22 -0.74
CA GLN C 238 -26.91 -22.09 -1.09
C GLN C 238 -25.60 -21.49 -0.59
N THR C 239 -24.71 -22.33 -0.10
CA THR C 239 -23.38 -21.92 0.30
C THR C 239 -22.34 -22.69 -0.49
N PHE C 240 -21.47 -21.96 -1.17
CA PHE C 240 -20.43 -22.52 -2.00
C PHE C 240 -19.09 -22.29 -1.34
N THR C 241 -18.22 -23.28 -1.44
CA THR C 241 -16.89 -23.24 -0.86
C THR C 241 -15.90 -23.68 -1.92
N GLY C 242 -14.63 -23.68 -1.53
CA GLY C 242 -13.59 -24.07 -2.47
C GLY C 242 -12.39 -23.17 -2.36
N HIS C 243 -12.59 -21.89 -2.06
CA HIS C 243 -11.44 -21.05 -1.85
C HIS C 243 -10.73 -21.42 -0.56
N GLU C 244 -9.43 -21.25 -0.56
CA GLU C 244 -8.57 -21.56 0.57
C GLU C 244 -8.41 -20.40 1.53
N SER C 245 -8.94 -19.23 1.22
CA SER C 245 -8.74 -18.08 2.08
C SER C 245 -9.79 -17.03 1.76
N ASP C 246 -9.62 -15.83 2.31
CA ASP C 246 -10.67 -14.83 2.34
C ASP C 246 -11.12 -14.43 0.95
N ILE C 247 -12.44 -14.43 0.73
CA ILE C 247 -12.99 -13.90 -0.52
C ILE C 247 -13.08 -12.39 -0.43
N ASN C 248 -12.46 -11.68 -1.38
CA ASN C 248 -12.40 -10.23 -1.33
C ASN C 248 -13.33 -9.54 -2.28
N ALA C 249 -13.76 -10.20 -3.35
CA ALA C 249 -14.61 -9.55 -4.32
C ALA C 249 -15.55 -10.56 -4.92
N ILE C 250 -16.66 -10.06 -5.48
CA ILE C 250 -17.67 -10.93 -6.03
C ILE C 250 -18.48 -10.09 -7.00
N CYS C 251 -19.12 -10.75 -7.95
N CYS C 251 -19.14 -10.75 -7.95
CA CYS C 251 -19.94 -10.09 -8.93
CA CYS C 251 -19.93 -10.06 -8.95
C CYS C 251 -21.10 -11.01 -9.28
C CYS C 251 -20.77 -11.09 -9.69
N PHE C 252 -21.88 -10.63 -10.27
CA PHE C 252 -22.79 -11.54 -10.96
C PHE C 252 -22.44 -11.64 -12.43
N PHE C 253 -22.61 -12.84 -12.96
CA PHE C 253 -22.60 -13.02 -14.38
C PHE C 253 -23.81 -12.30 -14.95
N PRO C 254 -23.69 -11.65 -16.11
CA PRO C 254 -24.82 -10.89 -16.66
C PRO C 254 -26.08 -11.69 -16.81
N ASN C 255 -26.00 -13.01 -16.93
CA ASN C 255 -27.20 -13.80 -17.09
C ASN C 255 -28.00 -13.85 -15.79
N GLY C 256 -27.32 -13.92 -14.66
CA GLY C 256 -27.99 -13.97 -13.38
C GLY C 256 -27.95 -15.32 -12.71
N ASN C 257 -27.51 -16.37 -13.41
CA ASN C 257 -27.42 -17.70 -12.83
C ASN C 257 -25.98 -18.13 -12.57
N ALA C 258 -25.06 -17.20 -12.39
CA ALA C 258 -23.67 -17.56 -12.10
C ALA C 258 -22.98 -16.36 -11.49
N PHE C 259 -21.85 -16.62 -10.83
CA PHE C 259 -21.11 -15.50 -10.27
C PHE C 259 -19.68 -15.93 -10.07
N ALA C 260 -18.80 -14.95 -10.01
CA ALA C 260 -17.38 -15.20 -9.87
C ALA C 260 -16.86 -14.57 -8.60
N THR C 261 -15.87 -15.21 -8.00
CA THR C 261 -15.29 -14.73 -6.78
C THR C 261 -13.78 -14.71 -6.93
N GLY C 262 -13.16 -13.77 -6.25
CA GLY C 262 -11.72 -13.72 -6.18
C GLY C 262 -11.34 -13.68 -4.72
N SER C 263 -10.25 -14.35 -4.38
CA SER C 263 -9.92 -14.49 -2.98
C SER C 263 -8.45 -14.24 -2.79
N ASP C 264 -8.01 -14.28 -1.54
CA ASP C 264 -6.63 -14.01 -1.22
C ASP C 264 -5.69 -15.13 -1.65
N ASP C 265 -6.21 -16.32 -1.95
CA ASP C 265 -5.35 -17.43 -2.37
C ASP C 265 -4.92 -17.31 -3.83
N ALA C 266 -5.05 -16.13 -4.41
CA ALA C 266 -4.58 -15.86 -5.76
C ALA C 266 -5.26 -16.72 -6.81
N THR C 267 -6.57 -16.87 -6.69
CA THR C 267 -7.34 -17.70 -7.61
C THR C 267 -8.70 -17.06 -7.80
N CYS C 268 -9.24 -17.20 -9.00
CA CYS C 268 -10.61 -16.79 -9.26
C CYS C 268 -11.44 -18.02 -9.52
N ARG C 269 -12.68 -18.02 -9.04
CA ARG C 269 -13.52 -19.19 -9.24
C ARG C 269 -14.89 -18.76 -9.70
N LEU C 270 -15.44 -19.52 -10.63
CA LEU C 270 -16.76 -19.26 -11.18
C LEU C 270 -17.70 -20.33 -10.66
N PHE C 271 -18.74 -19.90 -9.96
CA PHE C 271 -19.76 -20.78 -9.42
C PHE C 271 -21.05 -20.60 -10.21
N ASP C 272 -21.80 -21.68 -10.31
CA ASP C 272 -23.13 -21.64 -10.91
C ASP C 272 -24.15 -21.81 -9.79
N LEU C 273 -25.27 -21.13 -9.97
CA LEU C 273 -26.30 -21.18 -8.94
C LEU C 273 -27.09 -22.48 -9.02
N ARG C 274 -27.48 -22.90 -10.22
CA ARG C 274 -28.33 -24.08 -10.37
C ARG C 274 -27.57 -25.39 -10.19
N ALA C 275 -26.28 -25.43 -10.50
CA ALA C 275 -25.50 -26.63 -10.27
C ALA C 275 -24.89 -26.69 -8.88
N ASP C 276 -24.77 -25.54 -8.21
CA ASP C 276 -24.39 -25.48 -6.80
C ASP C 276 -22.98 -26.04 -6.56
N GLN C 277 -22.02 -25.58 -7.35
CA GLN C 277 -20.63 -25.93 -7.10
C GLN C 277 -19.76 -25.11 -8.04
N GLU C 278 -18.45 -25.14 -7.78
CA GLU C 278 -17.51 -24.42 -8.63
C GLU C 278 -17.35 -25.07 -9.99
N LEU C 279 -17.21 -24.24 -11.02
CA LEU C 279 -17.01 -24.69 -12.39
C LEU C 279 -15.61 -24.49 -12.90
N MET C 280 -14.92 -23.42 -12.50
CA MET C 280 -13.62 -23.16 -13.07
C MET C 280 -12.79 -22.27 -12.16
N THR C 281 -11.49 -22.46 -12.23
CA THR C 281 -10.49 -21.75 -11.43
C THR C 281 -9.49 -21.09 -12.35
N TYR C 282 -9.21 -19.82 -12.10
CA TYR C 282 -8.42 -18.97 -12.95
C TYR C 282 -7.14 -18.67 -12.19
N SER C 283 -6.01 -19.21 -12.66
CA SER C 283 -4.75 -19.08 -11.94
C SER C 283 -3.56 -19.33 -12.86
N HIS C 284 -2.41 -18.86 -12.41
CA HIS C 284 -1.08 -19.12 -12.97
C HIS C 284 -0.11 -19.24 -11.82
N ASP C 285 0.88 -20.11 -11.98
CA ASP C 285 1.77 -20.32 -10.86
C ASP C 285 2.75 -19.19 -10.65
N ASN C 286 2.74 -18.16 -11.50
CA ASN C 286 3.51 -16.95 -11.23
C ASN C 286 2.73 -15.84 -10.54
N ILE C 287 1.44 -16.02 -10.24
CA ILE C 287 0.67 -15.01 -9.53
C ILE C 287 0.41 -15.50 -8.11
N ILE C 288 1.01 -14.83 -7.13
CA ILE C 288 0.93 -15.25 -5.75
C ILE C 288 0.31 -14.13 -4.92
N CYS C 289 -0.60 -13.38 -5.53
N CYS C 289 -0.60 -13.38 -5.53
CA CYS C 289 -1.13 -12.17 -4.94
CA CYS C 289 -1.13 -12.17 -4.94
C CYS C 289 -2.65 -12.24 -4.87
C CYS C 289 -2.65 -12.24 -4.87
N GLY C 290 -3.23 -11.46 -3.96
CA GLY C 290 -4.64 -11.56 -3.66
C GLY C 290 -5.55 -10.68 -4.49
N ILE C 291 -6.53 -11.30 -5.14
CA ILE C 291 -7.46 -10.58 -5.99
C ILE C 291 -8.33 -9.66 -5.16
N THR C 292 -8.49 -8.43 -5.63
CA THR C 292 -9.16 -7.38 -4.87
C THR C 292 -10.53 -7.03 -5.39
N SER C 293 -10.76 -7.18 -6.70
CA SER C 293 -12.02 -6.80 -7.30
C SER C 293 -12.25 -7.66 -8.51
N VAL C 294 -13.51 -7.95 -8.81
CA VAL C 294 -13.87 -8.74 -9.97
C VAL C 294 -15.11 -8.15 -10.64
N SER C 295 -15.20 -8.30 -11.96
CA SER C 295 -16.38 -7.84 -12.67
C SER C 295 -16.39 -8.41 -14.08
N PHE C 296 -17.57 -8.77 -14.56
CA PHE C 296 -17.72 -9.29 -15.91
C PHE C 296 -17.99 -8.17 -16.91
N SER C 297 -17.75 -8.46 -18.18
CA SER C 297 -18.17 -7.59 -19.26
C SER C 297 -19.67 -7.74 -19.52
N LYS C 298 -20.16 -7.03 -20.53
CA LYS C 298 -21.60 -7.05 -20.83
C LYS C 298 -22.08 -8.42 -21.28
N SER C 299 -21.28 -9.13 -22.07
CA SER C 299 -21.69 -10.45 -22.54
C SER C 299 -21.21 -11.57 -21.65
N GLY C 300 -20.42 -11.26 -20.62
CA GLY C 300 -19.89 -12.26 -19.74
C GLY C 300 -18.75 -13.07 -20.31
N ARG C 301 -18.30 -12.77 -21.52
CA ARG C 301 -17.19 -13.54 -22.05
C ARG C 301 -15.87 -13.16 -21.40
N LEU C 302 -15.72 -11.92 -20.96
CA LEU C 302 -14.48 -11.46 -20.35
C LEU C 302 -14.70 -11.22 -18.87
N LEU C 303 -13.76 -11.68 -18.05
CA LEU C 303 -13.79 -11.51 -16.60
C LEU C 303 -12.58 -10.69 -16.21
N LEU C 304 -12.80 -9.51 -15.68
CA LEU C 304 -11.70 -8.66 -15.28
C LEU C 304 -11.50 -8.75 -13.79
N ALA C 305 -10.24 -8.87 -13.38
CA ALA C 305 -9.89 -9.03 -11.98
C ALA C 305 -8.76 -8.08 -11.64
N GLY C 306 -8.87 -7.42 -10.50
CA GLY C 306 -7.83 -6.53 -10.05
C GLY C 306 -6.80 -6.97 -9.04
N TYR C 307 -5.78 -7.73 -9.41
CA TYR C 307 -4.89 -8.29 -8.41
C TYR C 307 -4.21 -7.18 -7.60
N ASP C 308 -3.62 -7.58 -6.48
CA ASP C 308 -2.87 -6.68 -5.61
C ASP C 308 -1.50 -6.29 -6.17
N ASP C 309 -0.99 -7.02 -7.16
CA ASP C 309 0.35 -6.79 -7.70
C ASP C 309 0.40 -5.66 -8.70
N PHE C 310 -0.57 -4.76 -8.64
CA PHE C 310 -0.72 -3.51 -9.38
C PHE C 310 -1.29 -3.70 -10.78
N ASN C 311 -1.57 -4.91 -11.21
CA ASN C 311 -2.02 -5.16 -12.56
C ASN C 311 -3.49 -5.55 -12.50
N CYS C 312 -4.13 -5.56 -13.65
CA CYS C 312 -5.48 -6.11 -13.73
C CYS C 312 -5.47 -7.16 -14.82
N ASN C 313 -5.85 -8.37 -14.50
CA ASN C 313 -5.83 -9.38 -15.53
C ASN C 313 -7.21 -9.58 -16.12
N VAL C 314 -7.26 -9.64 -17.44
CA VAL C 314 -8.49 -9.89 -18.16
C VAL C 314 -8.43 -11.34 -18.58
N TRP C 315 -9.31 -12.13 -18.00
CA TRP C 315 -9.39 -13.56 -18.20
C TRP C 315 -10.51 -13.88 -19.17
N ASP C 316 -10.35 -14.98 -19.87
CA ASP C 316 -11.40 -15.50 -20.73
C ASP C 316 -12.29 -16.37 -19.83
N ALA C 317 -13.47 -15.88 -19.52
CA ALA C 317 -14.32 -16.52 -18.53
C ALA C 317 -14.75 -17.92 -18.93
N LEU C 318 -14.53 -18.32 -20.17
CA LEU C 318 -14.90 -19.64 -20.64
C LEU C 318 -13.71 -20.58 -20.77
N LYS C 319 -12.51 -20.09 -21.03
CA LYS C 319 -11.38 -20.96 -21.29
C LYS C 319 -10.31 -20.96 -20.22
N ALA C 320 -10.44 -20.15 -19.17
CA ALA C 320 -9.43 -20.07 -18.11
C ALA C 320 -8.09 -19.58 -18.62
N ASP C 321 -8.00 -19.18 -19.88
CA ASP C 321 -6.78 -18.61 -20.41
C ASP C 321 -6.68 -17.16 -20.00
N ARG C 322 -5.46 -16.73 -19.70
CA ARG C 322 -5.25 -15.32 -19.45
C ARG C 322 -5.10 -14.70 -20.82
N ALA C 323 -5.80 -13.58 -21.01
CA ALA C 323 -5.88 -13.01 -22.34
C ALA C 323 -5.18 -11.66 -22.42
N GLY C 324 -5.49 -10.76 -21.48
CA GLY C 324 -4.87 -9.45 -21.52
C GLY C 324 -4.56 -8.92 -20.15
N VAL C 325 -3.71 -7.90 -20.12
CA VAL C 325 -3.36 -7.29 -18.85
C VAL C 325 -3.62 -5.80 -18.97
N LEU C 326 -3.89 -5.17 -17.84
CA LEU C 326 -4.12 -3.75 -17.71
C LEU C 326 -3.09 -3.25 -16.72
N ALA C 327 -1.91 -2.91 -17.24
CA ALA C 327 -0.85 -2.35 -16.43
C ALA C 327 -0.90 -0.84 -16.50
N GLY C 328 -0.39 -0.19 -15.46
CA GLY C 328 -0.42 1.26 -15.47
C GLY C 328 -0.65 1.87 -14.12
N HIS C 329 -0.97 1.05 -13.13
CA HIS C 329 -1.14 1.52 -11.77
C HIS C 329 0.14 1.32 -10.96
N ASP C 330 0.38 2.23 -10.04
CA ASP C 330 1.58 2.18 -9.22
C ASP C 330 1.33 1.58 -7.85
N ASN C 331 0.12 1.08 -7.58
CA ASN C 331 -0.16 0.43 -6.32
C ASN C 331 -1.32 -0.53 -6.55
N ARG C 332 -1.76 -1.21 -5.50
CA ARG C 332 -2.77 -2.25 -5.69
C ARG C 332 -4.04 -1.69 -6.29
N VAL C 333 -4.50 -2.32 -7.37
CA VAL C 333 -5.78 -1.94 -7.93
C VAL C 333 -6.87 -2.44 -7.00
N SER C 334 -7.58 -1.50 -6.38
CA SER C 334 -8.55 -1.77 -5.32
C SER C 334 -9.95 -2.00 -5.83
N CYS C 335 -10.29 -1.57 -7.03
CA CYS C 335 -11.68 -1.71 -7.45
C CYS C 335 -11.78 -1.59 -8.95
N LEU C 336 -12.91 -2.07 -9.47
CA LEU C 336 -13.17 -1.93 -10.90
C LEU C 336 -14.65 -2.03 -11.15
N GLY C 337 -15.01 -1.73 -12.39
CA GLY C 337 -16.41 -1.80 -12.74
C GLY C 337 -16.68 -1.55 -14.19
N VAL C 338 -17.55 -2.36 -14.77
CA VAL C 338 -17.92 -2.24 -16.16
C VAL C 338 -19.20 -1.43 -16.24
N THR C 339 -19.32 -0.61 -17.28
CA THR C 339 -20.52 0.16 -17.50
C THR C 339 -21.69 -0.74 -17.84
N ASP C 340 -22.90 -0.22 -17.67
CA ASP C 340 -24.07 -1.03 -17.96
C ASP C 340 -24.30 -1.20 -19.45
N ASP C 341 -23.74 -0.33 -20.28
CA ASP C 341 -23.78 -0.52 -21.72
C ASP C 341 -22.58 -1.31 -22.22
N GLY C 342 -21.65 -1.66 -21.34
CA GLY C 342 -20.49 -2.43 -21.75
C GLY C 342 -19.47 -1.63 -22.53
N MET C 343 -19.61 -0.30 -22.57
CA MET C 343 -18.77 0.52 -23.43
C MET C 343 -17.37 0.72 -22.88
N ALA C 344 -17.17 0.63 -21.56
CA ALA C 344 -15.86 0.90 -21.04
C ALA C 344 -15.79 0.30 -19.65
N VAL C 345 -14.57 0.14 -19.14
CA VAL C 345 -14.36 -0.33 -17.78
C VAL C 345 -13.53 0.68 -17.02
N ALA C 346 -13.84 0.87 -15.74
CA ALA C 346 -13.07 1.78 -14.92
C ALA C 346 -12.29 1.00 -13.89
N THR C 347 -11.17 1.56 -13.49
CA THR C 347 -10.28 0.94 -12.51
C THR C 347 -9.85 1.96 -11.49
N GLY C 348 -10.09 1.67 -10.23
CA GLY C 348 -9.61 2.47 -9.11
C GLY C 348 -8.48 1.78 -8.37
N SER C 349 -7.47 2.54 -7.99
CA SER C 349 -6.30 1.93 -7.37
C SER C 349 -5.89 2.72 -6.14
N TRP C 350 -4.93 2.19 -5.41
CA TRP C 350 -4.40 2.89 -4.25
C TRP C 350 -3.39 3.93 -4.61
N ASP C 351 -3.24 4.24 -5.88
CA ASP C 351 -2.40 5.34 -6.32
C ASP C 351 -3.17 6.65 -6.42
N SER C 352 -4.43 6.64 -5.99
CA SER C 352 -5.32 7.80 -6.02
C SER C 352 -5.68 8.23 -7.43
N PHE C 353 -5.90 7.27 -8.32
CA PHE C 353 -6.28 7.60 -9.68
C PHE C 353 -7.29 6.58 -10.16
N LEU C 354 -8.25 7.02 -10.94
CA LEU C 354 -9.14 6.12 -11.66
C LEU C 354 -8.81 6.24 -13.13
N LYS C 355 -8.85 5.12 -13.83
CA LYS C 355 -8.50 5.12 -15.23
C LYS C 355 -9.60 4.39 -15.96
N ILE C 356 -10.04 4.97 -17.05
CA ILE C 356 -11.04 4.36 -17.90
C ILE C 356 -10.32 3.65 -19.02
N TRP C 357 -10.79 2.47 -19.35
CA TRP C 357 -10.14 1.63 -20.34
C TRP C 357 -11.23 1.26 -21.32
N ASN C 358 -10.88 1.27 -22.60
CA ASN C 358 -11.69 0.66 -23.61
C ASN C 358 -10.91 0.55 -24.91
N SER D 8 -21.10 -24.49 20.36
CA SER D 8 -22.27 -24.34 21.22
C SER D 8 -23.48 -25.08 20.67
N ILE D 9 -24.55 -25.13 21.47
CA ILE D 9 -25.73 -25.89 21.09
C ILE D 9 -26.57 -25.12 20.07
N ALA D 10 -26.59 -23.78 20.17
CA ALA D 10 -27.36 -22.99 19.22
C ALA D 10 -26.68 -22.91 17.86
N GLN D 11 -25.36 -22.77 17.82
CA GLN D 11 -24.72 -22.76 16.52
C GLN D 11 -24.75 -24.13 15.87
N ALA D 12 -24.93 -25.19 16.66
CA ALA D 12 -25.01 -26.52 16.05
C ALA D 12 -26.42 -26.78 15.55
N ARG D 13 -27.44 -26.31 16.28
CA ARG D 13 -28.79 -26.45 15.78
C ARG D 13 -28.97 -25.62 14.51
N LYS D 14 -28.34 -24.44 14.46
CA LYS D 14 -28.47 -23.64 13.25
C LYS D 14 -27.69 -24.26 12.11
N LEU D 15 -26.56 -24.91 12.39
CA LEU D 15 -25.82 -25.54 11.30
C LEU D 15 -26.57 -26.73 10.76
N VAL D 16 -27.27 -27.47 11.62
CA VAL D 16 -28.01 -28.65 11.17
C VAL D 16 -29.24 -28.23 10.36
N GLU D 17 -30.00 -27.25 10.85
CA GLU D 17 -31.15 -26.81 10.08
C GLU D 17 -30.74 -26.17 8.76
N GLN D 18 -29.62 -25.45 8.73
CA GLN D 18 -29.12 -24.93 7.46
C GLN D 18 -28.72 -26.04 6.50
N LEU D 19 -28.04 -27.08 7.00
CA LEU D 19 -27.69 -28.17 6.11
C LEU D 19 -28.88 -28.99 5.64
N LYS D 20 -29.91 -29.15 6.46
CA LYS D 20 -31.08 -29.87 5.95
C LYS D 20 -31.80 -29.04 4.89
N MET D 21 -31.83 -27.71 5.06
CA MET D 21 -32.42 -26.87 4.02
C MET D 21 -31.61 -26.93 2.73
N GLU D 22 -30.29 -26.91 2.85
CA GLU D 22 -29.38 -26.93 1.70
C GLU D 22 -29.31 -28.30 1.02
N ALA D 23 -29.65 -29.37 1.73
CA ALA D 23 -29.52 -30.70 1.16
C ALA D 23 -30.64 -31.03 0.17
N ASN D 24 -31.86 -30.56 0.42
CA ASN D 24 -32.99 -30.93 -0.44
C ASN D 24 -33.15 -30.02 -1.65
N ILE D 25 -32.09 -29.32 -2.05
CA ILE D 25 -32.13 -28.58 -3.31
C ILE D 25 -31.85 -29.55 -4.44
N ASP D 26 -32.36 -29.22 -5.63
CA ASP D 26 -32.16 -30.04 -6.83
C ASP D 26 -31.12 -29.40 -7.73
N ARG D 27 -30.06 -30.15 -8.04
CA ARG D 27 -28.98 -29.60 -8.83
C ARG D 27 -29.03 -30.20 -10.23
N ILE D 28 -28.56 -29.43 -11.20
CA ILE D 28 -28.49 -29.88 -12.58
C ILE D 28 -27.05 -30.29 -12.89
N LYS D 29 -26.87 -30.98 -14.00
CA LYS D 29 -25.56 -31.42 -14.45
C LYS D 29 -24.69 -30.24 -14.86
N VAL D 30 -23.39 -30.35 -14.58
CA VAL D 30 -22.43 -29.30 -14.92
C VAL D 30 -22.37 -29.11 -16.44
N SER D 31 -22.56 -30.18 -17.20
CA SER D 31 -22.57 -30.07 -18.65
C SER D 31 -23.61 -29.07 -19.11
N LYS D 32 -24.79 -29.10 -18.50
CA LYS D 32 -25.84 -28.16 -18.87
C LYS D 32 -25.58 -26.76 -18.32
N ALA D 33 -25.05 -26.63 -17.10
CA ALA D 33 -24.75 -25.31 -16.58
C ALA D 33 -23.70 -24.61 -17.42
N ALA D 34 -22.69 -25.36 -17.88
CA ALA D 34 -21.71 -24.77 -18.76
C ALA D 34 -22.28 -24.51 -20.14
N ALA D 35 -23.20 -25.36 -20.61
CA ALA D 35 -23.73 -25.09 -21.93
C ALA D 35 -24.58 -23.83 -21.91
N ASP D 36 -25.18 -23.55 -20.74
CA ASP D 36 -25.98 -22.33 -20.60
C ASP D 36 -25.09 -21.10 -20.52
N LEU D 37 -23.95 -21.19 -19.83
CA LEU D 37 -23.03 -20.06 -19.85
C LEU D 37 -22.52 -19.80 -21.26
N MET D 38 -22.19 -20.87 -21.98
CA MET D 38 -21.71 -20.72 -23.35
C MET D 38 -22.78 -20.13 -24.24
N ALA D 39 -24.04 -20.49 -24.00
CA ALA D 39 -25.11 -19.94 -24.83
C ALA D 39 -25.34 -18.48 -24.50
N TYR D 40 -25.30 -18.10 -23.22
CA TYR D 40 -25.51 -16.69 -22.95
C TYR D 40 -24.32 -15.87 -23.44
N CYS D 41 -23.14 -16.47 -23.47
CA CYS D 41 -21.97 -15.74 -23.93
C CYS D 41 -22.08 -15.45 -25.42
N GLU D 42 -22.22 -16.51 -26.23
CA GLU D 42 -22.29 -16.30 -27.67
C GLU D 42 -23.59 -15.66 -28.15
N ALA D 43 -24.66 -15.70 -27.36
CA ALA D 43 -25.88 -14.97 -27.75
C ALA D 43 -25.73 -13.46 -27.67
N HIS D 44 -24.76 -12.95 -26.91
CA HIS D 44 -24.50 -11.52 -26.79
C HIS D 44 -23.11 -11.11 -27.21
N ALA D 45 -22.38 -11.98 -27.89
CA ALA D 45 -20.99 -11.68 -28.21
C ALA D 45 -20.89 -10.46 -29.12
N LYS D 46 -21.82 -10.29 -30.06
CA LYS D 46 -21.67 -9.18 -30.99
C LYS D 46 -21.98 -7.80 -30.41
N GLU D 47 -22.49 -7.70 -29.18
CA GLU D 47 -22.79 -6.41 -28.56
C GLU D 47 -21.87 -6.14 -27.36
N ASP D 48 -20.76 -6.86 -27.25
CA ASP D 48 -19.84 -6.62 -26.15
C ASP D 48 -18.64 -5.82 -26.67
N PRO D 49 -18.59 -4.52 -26.40
CA PRO D 49 -17.52 -3.67 -26.93
C PRO D 49 -16.13 -4.02 -26.46
N LEU D 50 -15.95 -4.58 -25.27
CA LEU D 50 -14.61 -4.94 -24.86
C LEU D 50 -14.09 -6.19 -25.57
N LEU D 51 -14.99 -7.04 -26.06
CA LEU D 51 -14.59 -8.20 -26.83
C LEU D 51 -14.46 -7.86 -28.30
N THR D 52 -15.54 -7.36 -28.92
CA THR D 52 -15.44 -6.89 -30.30
C THR D 52 -15.25 -5.38 -30.27
N PRO D 53 -14.08 -4.85 -30.60
CA PRO D 53 -13.85 -3.41 -30.47
C PRO D 53 -14.76 -2.60 -31.38
N VAL D 54 -15.35 -1.55 -30.82
CA VAL D 54 -16.24 -0.64 -31.53
C VAL D 54 -15.40 0.39 -32.29
N PRO D 55 -15.78 0.77 -33.52
CA PRO D 55 -15.04 1.82 -34.23
C PRO D 55 -14.94 3.12 -33.44
N ALA D 56 -13.81 3.80 -33.62
CA ALA D 56 -13.52 5.03 -32.89
C ALA D 56 -14.51 6.16 -33.14
N SER D 57 -15.34 6.08 -34.18
CA SER D 57 -16.32 7.14 -34.40
C SER D 57 -17.43 7.13 -33.35
N GLU D 58 -17.85 5.94 -32.91
CA GLU D 58 -18.94 5.78 -31.96
C GLU D 58 -18.44 5.51 -30.55
N ASN D 59 -17.16 5.75 -30.30
CA ASN D 59 -16.61 5.55 -28.97
C ASN D 59 -16.60 6.86 -28.22
N PRO D 60 -17.42 7.02 -27.18
CA PRO D 60 -17.47 8.29 -26.45
C PRO D 60 -16.20 8.60 -25.69
N PHE D 61 -15.32 7.62 -25.51
CA PHE D 61 -14.08 7.82 -24.79
C PHE D 61 -12.89 7.99 -25.70
N ARG D 62 -13.08 7.94 -27.02
CA ARG D 62 -12.02 8.20 -27.98
C ARG D 62 -12.34 9.48 -28.72
N GLU D 63 -11.76 10.58 -28.27
CA GLU D 63 -11.92 11.90 -28.89
C GLU D 63 -13.39 12.27 -29.06
N GLN E 23 -13.60 -27.30 0.61
CA GLN E 23 -13.80 -26.73 1.94
C GLN E 23 -12.64 -27.06 2.86
N VAL E 24 -11.97 -26.01 3.33
CA VAL E 24 -10.89 -26.19 4.30
C VAL E 24 -11.44 -26.81 5.56
N GLN E 25 -10.86 -27.94 5.98
CA GLN E 25 -11.21 -28.53 7.26
C GLN E 25 -9.98 -29.20 7.85
N LEU E 26 -9.84 -29.09 9.18
CA LEU E 26 -8.66 -29.55 9.90
C LEU E 26 -9.10 -30.55 10.96
N GLN E 27 -8.51 -31.74 10.95
CA GLN E 27 -8.86 -32.79 11.89
C GLN E 27 -7.66 -33.08 12.78
N GLU E 28 -7.83 -32.85 14.08
CA GLU E 28 -6.77 -33.20 15.02
C GLU E 28 -7.05 -34.57 15.64
N SER E 29 -5.99 -35.20 16.11
CA SER E 29 -6.10 -36.53 16.70
C SER E 29 -4.96 -36.69 17.69
N GLY E 30 -5.08 -37.70 18.53
CA GLY E 30 -4.20 -37.84 19.67
C GLY E 30 -4.77 -37.11 20.87
N GLY E 31 -4.09 -37.29 22.00
CA GLY E 31 -4.46 -36.54 23.18
C GLY E 31 -5.50 -37.21 24.05
N GLY E 32 -5.08 -37.65 25.24
CA GLY E 32 -5.98 -38.22 26.21
C GLY E 32 -5.43 -37.98 27.60
N LEU E 33 -6.08 -38.61 28.59
CA LEU E 33 -5.62 -38.49 29.96
C LEU E 33 -4.21 -39.04 30.10
N VAL E 34 -3.30 -38.19 30.56
CA VAL E 34 -1.88 -38.56 30.71
C VAL E 34 -1.37 -37.94 32.01
N GLN E 35 -0.75 -38.75 32.85
CA GLN E 35 -0.25 -38.28 34.12
C GLN E 35 0.86 -37.25 33.91
N PRO E 36 1.11 -36.38 34.88
CA PRO E 36 2.19 -35.41 34.76
C PRO E 36 3.51 -36.10 34.41
N GLY E 37 4.33 -35.42 33.63
CA GLY E 37 5.56 -36.01 33.14
C GLY E 37 5.36 -37.09 32.10
N GLY E 38 4.15 -37.22 31.53
CA GLY E 38 3.88 -38.27 30.58
C GLY E 38 4.39 -37.97 29.18
N SER E 39 3.56 -38.20 28.18
CA SER E 39 3.90 -37.88 26.80
C SER E 39 2.67 -38.04 25.93
N LEU E 40 2.66 -37.34 24.81
CA LEU E 40 1.57 -37.40 23.84
C LEU E 40 2.10 -36.93 22.49
N ARG E 41 1.30 -37.14 21.46
CA ARG E 41 1.63 -36.64 20.13
C ARG E 41 0.36 -36.27 19.41
N LEU E 42 0.19 -34.99 19.12
CA LEU E 42 -1.04 -34.48 18.52
C LEU E 42 -0.82 -34.34 17.02
N SER E 43 -1.61 -35.07 16.25
CA SER E 43 -1.51 -35.13 14.81
C SER E 43 -2.62 -34.30 14.19
N CYS E 44 -2.25 -33.27 13.45
CA CYS E 44 -3.18 -32.36 12.80
C CYS E 44 -3.10 -32.63 11.31
N ALA E 45 -4.16 -33.20 10.75
CA ALA E 45 -4.24 -33.50 9.33
C ALA E 45 -5.12 -32.47 8.65
N ALA E 46 -4.61 -31.87 7.58
CA ALA E 46 -5.27 -30.78 6.89
C ALA E 46 -5.75 -31.25 5.53
N SER E 47 -6.96 -30.83 5.17
CA SER E 47 -7.55 -31.20 3.89
C SER E 47 -8.34 -30.02 3.36
N GLY E 48 -8.06 -29.67 2.10
CA GLY E 48 -8.79 -28.63 1.42
C GLY E 48 -7.98 -27.47 0.89
N PHE E 49 -6.64 -27.57 0.90
CA PHE E 49 -5.82 -26.50 0.38
C PHE E 49 -4.43 -27.04 0.10
N THR E 50 -3.49 -26.14 -0.17
CA THR E 50 -2.10 -26.51 -0.43
C THR E 50 -1.32 -26.34 0.87
N PHE E 51 -0.91 -27.46 1.46
CA PHE E 51 -0.36 -27.44 2.81
C PHE E 51 0.94 -26.66 2.87
N SER E 52 1.76 -26.72 1.82
CA SER E 52 3.12 -26.20 1.90
C SER E 52 3.15 -24.68 2.00
N ASN E 53 2.14 -24.00 1.49
CA ASN E 53 2.22 -22.54 1.37
C ASN E 53 1.95 -21.85 2.71
N TYR E 54 1.28 -22.53 3.63
CA TYR E 54 0.74 -21.86 4.82
C TYR E 54 1.57 -22.15 6.06
N LYS E 55 1.88 -21.08 6.79
CA LYS E 55 2.46 -21.21 8.11
C LYS E 55 1.44 -21.79 9.07
N MET E 56 1.85 -22.72 9.91
CA MET E 56 0.92 -23.40 10.79
C MET E 56 1.23 -23.10 12.26
N ASN E 57 0.20 -23.09 13.09
CA ASN E 57 0.37 -22.82 14.51
C ASN E 57 -0.43 -23.83 15.32
N TRP E 58 -0.10 -23.94 16.60
CA TRP E 58 -0.87 -24.71 17.57
C TRP E 58 -1.41 -23.75 18.61
N VAL E 59 -2.72 -23.62 18.70
CA VAL E 59 -3.33 -22.76 19.71
C VAL E 59 -4.08 -23.63 20.69
N ARG E 60 -3.66 -23.59 21.95
CA ARG E 60 -4.30 -24.34 23.00
C ARG E 60 -5.12 -23.41 23.88
N GLN E 61 -6.23 -23.93 24.39
CA GLN E 61 -7.12 -23.18 25.27
C GLN E 61 -7.30 -23.96 26.56
N ALA E 62 -6.81 -23.40 27.64
CA ALA E 62 -6.99 -23.99 28.96
C ALA E 62 -8.36 -23.59 29.53
N PRO E 63 -8.95 -24.43 30.37
CA PRO E 63 -10.32 -24.15 30.84
C PRO E 63 -10.39 -22.85 31.64
N GLY E 64 -11.27 -21.96 31.21
CA GLY E 64 -11.53 -20.72 31.90
C GLY E 64 -10.74 -19.53 31.41
N LYS E 65 -9.90 -19.70 30.39
CA LYS E 65 -9.08 -18.62 29.87
C LYS E 65 -9.23 -18.54 28.35
N GLY E 66 -8.85 -17.40 27.80
CA GLY E 66 -8.94 -17.20 26.37
C GLY E 66 -7.98 -18.11 25.63
N LEU E 67 -8.01 -17.98 24.31
CA LEU E 67 -7.12 -18.76 23.46
C LEU E 67 -5.67 -18.38 23.71
N GLU E 68 -4.79 -19.36 23.63
CA GLU E 68 -3.37 -19.16 23.83
C GLU E 68 -2.63 -19.82 22.68
N TRP E 69 -1.54 -19.19 22.26
CA TRP E 69 -0.77 -19.67 21.13
C TRP E 69 0.45 -20.42 21.64
N VAL E 70 0.72 -21.60 21.08
CA VAL E 70 1.74 -22.51 21.58
C VAL E 70 3.01 -22.44 20.76
N SER E 71 2.94 -22.84 19.50
CA SER E 71 4.14 -22.88 18.66
C SER E 71 3.76 -22.77 17.21
N ASP E 72 4.67 -22.22 16.41
CA ASP E 72 4.43 -22.10 14.98
C ASP E 72 5.59 -22.68 14.19
N ILE E 73 5.25 -23.23 13.03
CA ILE E 73 6.21 -23.80 12.10
C ILE E 73 5.96 -23.17 10.73
N SER E 74 7.05 -22.86 10.04
CA SER E 74 6.98 -22.06 8.83
C SER E 74 6.52 -22.87 7.63
N GLN E 75 6.75 -22.34 6.43
CA GLN E 75 6.19 -22.92 5.22
C GLN E 75 6.72 -24.33 4.98
N SER E 76 7.91 -24.63 5.46
CA SER E 76 8.55 -25.91 5.16
C SER E 76 9.26 -26.50 6.37
N GLY E 77 8.87 -26.14 7.58
CA GLY E 77 9.63 -26.53 8.73
C GLY E 77 10.98 -25.85 8.84
N ALA E 78 11.21 -24.79 8.08
CA ALA E 78 12.50 -24.12 8.11
C ALA E 78 12.73 -23.45 9.45
N SER E 79 11.85 -22.54 9.84
CA SER E 79 12.00 -21.81 11.08
C SER E 79 10.83 -22.09 11.99
N ILE E 80 11.11 -22.59 13.19
CA ILE E 80 10.08 -22.90 14.17
C ILE E 80 10.26 -21.99 15.37
N SER E 81 9.17 -21.76 16.10
CA SER E 81 9.26 -20.92 17.28
C SER E 81 8.22 -21.36 18.29
N TYR E 82 8.53 -21.14 19.56
CA TYR E 82 7.76 -21.67 20.67
C TYR E 82 7.38 -20.58 21.65
N THR E 83 6.24 -20.76 22.32
CA THR E 83 5.99 -20.03 23.54
C THR E 83 7.03 -20.41 24.57
N GLY E 84 7.24 -19.54 25.55
CA GLY E 84 8.21 -19.85 26.58
C GLY E 84 7.84 -21.08 27.38
N SER E 85 6.58 -21.19 27.79
CA SER E 85 6.19 -22.23 28.73
C SER E 85 6.38 -23.63 28.15
N VAL E 86 6.28 -23.78 26.84
CA VAL E 86 6.48 -25.08 26.21
C VAL E 86 7.83 -25.17 25.53
N LYS E 87 8.73 -24.22 25.79
CA LYS E 87 10.04 -24.27 25.17
C LYS E 87 10.88 -25.33 25.84
N GLY E 88 11.56 -26.12 25.03
CA GLY E 88 12.38 -27.21 25.53
C GLY E 88 11.63 -28.47 25.88
N ARG E 89 10.31 -28.46 25.81
CA ARG E 89 9.51 -29.66 26.05
C ARG E 89 8.86 -30.20 24.80
N PHE E 90 8.05 -29.42 24.11
CA PHE E 90 7.30 -29.89 22.96
C PHE E 90 8.11 -29.61 21.70
N THR E 91 7.84 -30.39 20.66
CA THR E 91 8.38 -30.11 19.35
C THR E 91 7.24 -30.06 18.34
N ILE E 92 7.51 -29.46 17.19
CA ILE E 92 6.50 -29.27 16.17
C ILE E 92 7.12 -29.61 14.82
N SER E 93 6.55 -30.60 14.14
CA SER E 93 7.10 -31.11 12.88
C SER E 93 6.05 -30.99 11.79
N ARG E 94 6.48 -30.66 10.59
CA ARG E 94 5.59 -30.56 9.45
C ARG E 94 5.99 -31.58 8.40
N ASP E 95 5.04 -32.37 7.92
CA ASP E 95 5.28 -33.32 6.85
C ASP E 95 4.31 -32.99 5.72
N ASN E 96 4.86 -32.45 4.62
CA ASN E 96 4.03 -32.09 3.48
C ASN E 96 3.60 -33.32 2.70
N ALA E 97 4.36 -34.41 2.79
CA ALA E 97 3.99 -35.62 2.07
C ALA E 97 2.64 -36.14 2.53
N LYS E 98 2.51 -36.47 3.81
CA LYS E 98 1.24 -36.89 4.38
C LYS E 98 0.30 -35.74 4.64
N ASN E 99 0.72 -34.51 4.38
CA ASN E 99 -0.11 -33.32 4.58
C ASN E 99 -0.58 -33.21 6.03
N THR E 100 0.37 -32.96 6.93
CA THR E 100 0.00 -32.80 8.33
C THR E 100 1.13 -32.17 9.11
N LEU E 101 0.85 -31.84 10.37
CA LEU E 101 1.89 -31.46 11.31
C LEU E 101 1.58 -32.02 12.68
N TYR E 102 2.63 -32.28 13.45
CA TYR E 102 2.55 -32.97 14.72
C TYR E 102 3.17 -32.12 15.81
N LEU E 103 2.46 -31.98 16.91
CA LEU E 103 3.00 -31.42 18.14
C LEU E 103 3.30 -32.60 19.05
N GLN E 104 4.58 -32.95 19.16
CA GLN E 104 5.00 -34.03 20.04
C GLN E 104 5.27 -33.42 21.41
N MET E 105 4.41 -33.73 22.38
CA MET E 105 4.58 -33.21 23.72
C MET E 105 5.23 -34.25 24.62
N ASN E 106 6.22 -33.82 25.39
CA ASN E 106 6.84 -34.66 26.40
C ASN E 106 7.00 -33.86 27.68
N SER E 107 7.03 -34.57 28.80
CA SER E 107 7.14 -33.95 30.12
C SER E 107 5.95 -33.02 30.38
N LEU E 108 4.76 -33.50 30.07
CA LEU E 108 3.56 -32.68 30.24
C LEU E 108 3.36 -32.32 31.71
N LYS E 109 3.03 -31.08 31.96
CA LYS E 109 2.79 -30.56 33.29
C LYS E 109 1.29 -30.54 33.58
N PRO E 110 0.89 -30.35 34.84
CA PRO E 110 -0.54 -30.29 35.15
C PRO E 110 -1.24 -29.11 34.54
N GLU E 111 -0.50 -28.10 34.05
CA GLU E 111 -1.11 -26.92 33.46
C GLU E 111 -1.15 -26.96 31.95
N ASP E 112 -0.53 -27.94 31.31
CA ASP E 112 -0.67 -28.16 29.88
C ASP E 112 -1.97 -28.85 29.52
N THR E 113 -2.88 -28.98 30.47
CA THR E 113 -4.20 -29.56 30.20
C THR E 113 -5.06 -28.52 29.51
N ALA E 114 -5.44 -28.78 28.26
CA ALA E 114 -6.14 -27.79 27.47
C ALA E 114 -6.57 -28.42 26.15
N VAL E 115 -7.54 -27.78 25.50
CA VAL E 115 -7.91 -28.18 24.15
C VAL E 115 -6.84 -27.67 23.20
N TYR E 116 -6.57 -28.39 22.12
CA TYR E 116 -5.48 -28.02 21.23
C TYR E 116 -5.96 -27.88 19.80
N TYR E 117 -6.41 -26.67 19.43
CA TYR E 117 -6.78 -26.36 18.07
C TYR E 117 -5.50 -26.23 17.26
N CYS E 118 -5.56 -26.63 15.99
CA CYS E 118 -4.41 -26.56 15.10
C CYS E 118 -4.68 -25.52 14.03
N ALA E 119 -4.17 -24.31 14.23
CA ALA E 119 -4.60 -23.16 13.45
C ALA E 119 -3.74 -23.02 12.21
N ARG E 120 -4.35 -22.48 11.16
CA ARG E 120 -3.64 -22.10 9.96
C ARG E 120 -3.72 -20.59 9.80
N CYS E 121 -2.62 -19.99 9.36
CA CYS E 121 -2.66 -18.58 9.07
C CYS E 121 -3.52 -18.35 7.82
N PRO E 122 -4.15 -17.18 7.71
CA PRO E 122 -5.22 -17.00 6.72
C PRO E 122 -4.74 -16.70 5.32
N ALA E 123 -3.44 -16.57 5.08
CA ALA E 123 -2.95 -16.18 3.79
C ALA E 123 -1.75 -17.03 3.42
N PRO E 124 -1.64 -17.48 2.19
CA PRO E 124 -0.44 -18.18 1.75
C PRO E 124 0.69 -17.23 1.40
N PHE E 125 1.89 -17.81 1.29
CA PHE E 125 3.07 -17.11 0.79
C PHE E 125 3.39 -15.86 1.59
N THR E 126 3.08 -15.86 2.88
CA THR E 126 3.38 -14.70 3.71
C THR E 126 3.76 -15.19 5.11
N ARG E 127 4.12 -14.23 5.97
CA ARG E 127 4.66 -14.56 7.27
C ARG E 127 3.82 -14.05 8.44
N ASP E 128 2.70 -13.40 8.18
CA ASP E 128 1.86 -12.87 9.23
C ASP E 128 0.58 -13.68 9.36
N CYS E 129 0.05 -13.74 10.57
CA CYS E 129 -1.30 -14.24 10.77
C CYS E 129 -1.87 -13.72 12.08
N PHE E 130 -3.19 -13.73 12.16
CA PHE E 130 -3.95 -13.15 13.27
C PHE E 130 -4.97 -14.16 13.79
N ASP E 131 -4.50 -15.35 14.17
CA ASP E 131 -5.34 -16.54 14.32
C ASP E 131 -5.47 -17.04 15.76
N VAL E 132 -5.49 -16.16 16.74
CA VAL E 132 -5.76 -16.59 18.10
C VAL E 132 -7.12 -16.06 18.55
N THR E 133 -7.98 -15.74 17.59
CA THR E 133 -9.04 -14.77 17.79
C THR E 133 -9.99 -15.21 18.89
N SER E 134 -10.75 -14.24 19.41
CA SER E 134 -11.49 -14.43 20.65
C SER E 134 -12.52 -15.54 20.53
N THR E 135 -13.36 -15.47 19.50
CA THR E 135 -14.40 -16.48 19.34
C THR E 135 -14.23 -17.30 18.08
N THR E 136 -14.26 -16.67 16.91
CA THR E 136 -14.46 -17.39 15.66
C THR E 136 -13.35 -17.04 14.68
N TYR E 137 -12.47 -17.99 14.42
CA TYR E 137 -11.54 -17.93 13.32
C TYR E 137 -11.85 -19.13 12.44
N ALA E 138 -11.88 -18.92 11.12
CA ALA E 138 -12.51 -19.91 10.26
C ALA E 138 -11.59 -21.04 9.81
N TYR E 139 -10.29 -20.94 10.02
CA TYR E 139 -9.35 -21.93 9.49
C TYR E 139 -8.57 -22.62 10.60
N ARG E 140 -9.24 -22.95 11.71
CA ARG E 140 -8.66 -23.81 12.72
C ARG E 140 -9.64 -24.92 13.03
N GLY E 141 -9.12 -26.03 13.55
CA GLY E 141 -9.91 -27.22 13.67
C GLY E 141 -10.91 -27.21 14.80
N GLN E 142 -11.10 -28.36 15.44
CA GLN E 142 -12.10 -28.49 16.48
C GLN E 142 -11.53 -28.78 17.85
N GLY E 143 -10.39 -29.47 17.93
CA GLY E 143 -9.76 -29.67 19.23
C GLY E 143 -9.69 -31.11 19.69
N THR E 144 -8.60 -31.45 20.36
CA THR E 144 -8.41 -32.74 21.00
C THR E 144 -8.04 -32.47 22.45
N GLN E 145 -9.01 -32.56 23.35
CA GLN E 145 -8.76 -32.17 24.72
C GLN E 145 -7.67 -33.01 25.35
N VAL E 146 -6.50 -32.42 25.57
CA VAL E 146 -5.41 -33.10 26.25
C VAL E 146 -5.53 -32.79 27.73
N THR E 147 -5.72 -33.82 28.54
CA THR E 147 -5.89 -33.66 29.98
C THR E 147 -4.66 -34.22 30.68
N VAL E 148 -4.15 -33.49 31.67
CA VAL E 148 -3.01 -33.94 32.44
C VAL E 148 -3.30 -33.67 33.92
N SER E 149 -3.35 -34.72 34.71
CA SER E 149 -3.58 -34.62 36.15
C SER E 149 -3.10 -35.92 36.79
N SER E 150 -2.99 -35.89 38.11
CA SER E 150 -2.57 -37.08 38.86
C SER E 150 -3.76 -37.83 39.41
C7 LDP F . 31.55 30.22 -19.16
C1 LDP F . 31.15 31.08 -17.98
C4 LDP F . 30.39 32.60 -15.84
C2 LDP F . 32.06 31.92 -17.39
C6 LDP F . 29.87 30.99 -17.49
C5 LDP F . 29.49 31.76 -16.42
C3 LDP F . 31.68 32.68 -16.33
O1 LDP F . 32.61 33.54 -15.74
O2 LDP F . 30.00 33.38 -14.75
C8 LDP F . 30.80 28.90 -19.12
N1 LDP F . 31.30 28.02 -20.16
#